data_5QK8
#
_entry.id   5QK8
#
_cell.length_a   49.270
_cell.length_b   59.910
_cell.length_c   80.011
_cell.angle_alpha   79.550
_cell.angle_beta   81.380
_cell.angle_gamma   75.740
#
_symmetry.space_group_name_H-M   'P 1'
#
loop_
_entity.id
_entity.type
_entity.pdbx_description
1 polymer 'ADP-sugar pyrophosphatase'
2 non-polymer 'MAGNESIUM ION'
3 non-polymer 'CHLORIDE ION'
4 non-polymer N-[(1-methyl-1H-1,2,3-triazol-4-yl)methyl]ethanamine
5 non-polymer 1,2-ETHANEDIOL
6 water water
#
_entity_poly.entity_id   1
_entity_poly.type   'polypeptide(L)'
_entity_poly.pdbx_seq_one_letter_code
;SMESQEPTESSQNGKQYIISEELISEGKWVKLEKTTYMDPTGKTRTWESVKRTTRKEQTADGVAVIPVLQRTLHYECIVL
VKQFRPPMGGYCIEFPAGLIDDGETPEAAALRELEEETGYKGDIAECSPAVCMDPGLSNCTIHIVTVTINGDDAENARPK
PKPGDGEFVEVISLPKNDLLQRLDALVAEEHLTVDARVYSYALALKHAN
;
_entity_poly.pdbx_strand_id   A,B,C,D
#
# COMPACT_ATOMS: atom_id res chain seq x y z
N LYS A 15 -16.84 -42.33 -11.84
CA LYS A 15 -17.04 -42.79 -13.24
C LYS A 15 -15.71 -42.90 -14.02
N GLN A 16 -14.89 -41.83 -14.08
CA GLN A 16 -13.66 -41.87 -14.91
C GLN A 16 -12.42 -42.40 -14.22
N TYR A 17 -11.57 -43.05 -15.01
CA TYR A 17 -10.34 -43.62 -14.46
C TYR A 17 -9.29 -43.82 -15.50
N ILE A 18 -8.08 -44.02 -15.00
CA ILE A 18 -6.90 -44.28 -15.84
C ILE A 18 -6.90 -45.74 -16.25
N ILE A 19 -6.71 -45.96 -17.55
CA ILE A 19 -6.44 -47.28 -18.15
C ILE A 19 -4.96 -47.65 -18.30
N SER A 20 -4.17 -46.76 -18.86
CA SER A 20 -2.74 -47.01 -19.01
C SER A 20 -1.96 -45.70 -19.08
N GLU A 21 -0.65 -45.77 -18.80
CA GLU A 21 0.23 -44.62 -18.87
C GLU A 21 1.48 -45.13 -19.61
N GLU A 22 1.71 -44.66 -20.83
CA GLU A 22 2.84 -45.07 -21.67
C GLU A 22 3.86 -43.97 -21.65
N LEU A 23 5.13 -44.31 -21.37
CA LEU A 23 6.19 -43.33 -21.40
C LEU A 23 6.41 -42.92 -22.85
N ILE A 24 6.51 -41.63 -23.10
CA ILE A 24 6.88 -41.12 -24.40
C ILE A 24 8.34 -40.68 -24.37
N SER A 25 8.75 -39.93 -23.34
CA SER A 25 10.13 -39.43 -23.26
C SER A 25 10.49 -39.12 -21.82
N GLU A 26 11.68 -39.53 -21.35
CA GLU A 26 12.07 -39.40 -19.94
C GLU A 26 13.38 -38.65 -19.88
N GLY A 27 13.38 -37.45 -19.30
CA GLY A 27 14.58 -36.75 -18.94
C GLY A 27 15.12 -37.13 -17.60
N LYS A 28 16.09 -36.35 -17.15
CA LYS A 28 16.59 -36.46 -15.77
C LYS A 28 15.58 -35.98 -14.74
N TRP A 29 14.80 -34.92 -15.13
CA TRP A 29 13.93 -34.20 -14.20
C TRP A 29 12.44 -34.30 -14.51
N VAL A 30 12.11 -34.56 -15.77
CA VAL A 30 10.77 -34.45 -16.30
C VAL A 30 10.57 -35.53 -17.37
N LYS A 31 9.38 -36.13 -17.38
CA LYS A 31 8.94 -37.02 -18.45
C LYS A 31 7.58 -36.62 -19.04
N LEU A 32 7.32 -37.14 -20.24
CA LEU A 32 6.09 -37.01 -20.94
C LEU A 32 5.43 -38.39 -21.14
N GLU A 33 4.12 -38.49 -20.85
CA GLU A 33 3.43 -39.75 -20.91
C GLU A 33 2.17 -39.63 -21.75
N LYS A 34 1.80 -40.74 -22.42
CA LYS A 34 0.52 -40.85 -23.15
C LYS A 34 -0.45 -41.53 -22.22
N THR A 35 -1.47 -40.82 -21.77
CA THR A 35 -2.33 -41.35 -20.74
C THR A 35 -3.63 -41.80 -21.40
N THR A 36 -4.01 -43.05 -21.17
CA THR A 36 -5.29 -43.59 -21.63
C THR A 36 -6.23 -43.70 -20.44
N TYR A 37 -7.40 -43.17 -20.68
CA TYR A 37 -8.45 -43.16 -19.68
C TYR A 37 -9.83 -43.38 -20.24
N MET A 38 -10.75 -43.68 -19.32
CA MET A 38 -12.16 -43.91 -19.63
C MET A 38 -12.97 -42.67 -19.36
N ASP A 39 -13.73 -42.21 -20.36
CA ASP A 39 -14.59 -41.00 -20.19
C ASP A 39 -15.94 -41.41 -19.62
N PRO A 40 -16.71 -40.43 -19.17
CA PRO A 40 -17.90 -40.88 -18.48
C PRO A 40 -19.00 -41.42 -19.38
N THR A 41 -18.86 -41.31 -20.72
CA THR A 41 -19.77 -42.01 -21.69
C THR A 41 -19.40 -43.49 -21.87
N GLY A 42 -18.33 -43.97 -21.21
CA GLY A 42 -17.77 -45.29 -21.44
C GLY A 42 -16.81 -45.41 -22.64
N LYS A 43 -16.40 -44.29 -23.23
CA LYS A 43 -15.44 -44.22 -24.34
C LYS A 43 -13.97 -43.97 -23.85
N THR A 44 -13.04 -44.76 -24.40
CA THR A 44 -11.59 -44.59 -24.24
C THR A 44 -11.11 -43.25 -24.91
N ARG A 45 -10.32 -42.44 -24.19
CA ARG A 45 -9.67 -41.28 -24.77
C ARG A 45 -8.20 -41.21 -24.28
N THR A 46 -7.43 -40.34 -24.91
CA THR A 46 -6.07 -40.17 -24.45
C THR A 46 -5.73 -38.69 -24.12
N TRP A 47 -4.67 -38.53 -23.36
CA TRP A 47 -4.17 -37.23 -22.88
C TRP A 47 -2.64 -37.27 -22.94
N GLU A 48 -2.00 -36.14 -23.20
CA GLU A 48 -0.55 -36.01 -23.02
C GLU A 48 -0.26 -35.38 -21.65
N SER A 49 0.45 -36.10 -20.80
CA SER A 49 0.65 -35.80 -19.36
C SER A 49 2.13 -35.59 -19.07
N VAL A 50 2.41 -34.58 -18.26
CA VAL A 50 3.71 -34.32 -17.75
C VAL A 50 3.82 -34.75 -16.33
N LYS A 51 4.94 -35.37 -16.01
CA LYS A 51 5.28 -35.69 -14.64
C LYS A 51 6.75 -35.39 -14.30
N ARG A 52 7.06 -35.13 -13.04
CA ARG A 52 8.46 -35.09 -12.64
C ARG A 52 8.98 -36.51 -12.41
N THR A 53 10.30 -36.70 -12.62
CA THR A 53 10.99 -37.94 -12.33
C THR A 53 11.45 -38.10 -10.85
N THR A 54 11.33 -37.02 -10.08
CA THR A 54 11.94 -36.90 -8.76
C THR A 54 11.00 -37.26 -7.61
N ARG A 55 9.74 -37.66 -7.85
CA ARG A 55 8.78 -37.86 -6.77
C ARG A 55 8.88 -39.28 -6.27
N LYS A 56 9.09 -39.48 -4.99
CA LYS A 56 9.28 -40.83 -4.45
C LYS A 56 8.08 -41.17 -3.55
N GLU A 57 8.27 -41.15 -2.23
CA GLU A 57 7.14 -41.31 -1.30
C GLU A 57 6.62 -39.95 -0.76
N GLN A 58 7.03 -38.80 -1.31
CA GLN A 58 6.47 -37.55 -0.81
C GLN A 58 4.96 -37.49 -1.05
N THR A 59 4.28 -36.81 -0.15
CA THR A 59 2.85 -36.56 -0.30
C THR A 59 2.60 -35.53 -1.42
N ALA A 60 3.67 -34.98 -1.99
CA ALA A 60 3.65 -34.00 -3.06
C ALA A 60 5.06 -33.82 -3.56
N ASP A 61 5.18 -33.20 -4.72
CA ASP A 61 6.46 -32.88 -5.29
C ASP A 61 7.25 -31.86 -4.47
N GLY A 62 6.55 -30.84 -4.01
CA GLY A 62 7.19 -29.65 -3.54
C GLY A 62 6.38 -28.90 -2.50
N VAL A 63 6.91 -27.79 -2.06
CA VAL A 63 6.21 -26.91 -1.15
C VAL A 63 6.33 -25.51 -1.73
N ALA A 64 5.34 -24.69 -1.44
CA ALA A 64 5.50 -23.23 -1.62
C ALA A 64 5.15 -22.64 -0.21
N VAL A 65 5.88 -21.59 0.15
CA VAL A 65 5.78 -21.02 1.47
C VAL A 65 5.11 -19.65 1.38
N ILE A 66 4.08 -19.43 2.18
CA ILE A 66 3.45 -18.12 2.31
C ILE A 66 4.10 -17.54 3.60
N PRO A 67 5.07 -16.62 3.45
CA PRO A 67 5.90 -16.23 4.61
C PRO A 67 5.43 -14.82 5.08
N VAL A 68 4.78 -14.78 6.23
CA VAL A 68 4.21 -13.57 6.76
C VAL A 68 5.14 -12.93 7.73
N LEU A 69 5.79 -11.84 7.29
CA LEU A 69 6.80 -11.22 8.10
C LEU A 69 6.18 -10.26 9.05
N GLN A 70 6.34 -10.51 10.39
CA GLN A 70 5.66 -9.74 11.46
C GLN A 70 6.67 -9.00 12.28
N ARG A 71 6.45 -7.68 12.51
CA ARG A 71 7.46 -6.88 13.21
C ARG A 71 6.73 -5.82 13.91
N THR A 72 7.14 -5.54 15.14
CA THR A 72 6.39 -4.57 15.93
C THR A 72 6.50 -3.16 15.24
N LEU A 73 5.36 -2.56 15.14
CA LEU A 73 5.15 -1.19 14.60
C LEU A 73 5.47 -1.16 13.09
N HIS A 74 5.35 -2.34 12.47
CA HIS A 74 5.26 -2.50 10.99
C HIS A 74 3.98 -3.20 10.54
N TYR A 75 3.55 -2.84 9.33
CA TYR A 75 2.53 -3.57 8.64
C TYR A 75 3.16 -4.91 8.26
N GLU A 76 2.34 -5.93 8.29
CA GLU A 76 2.80 -7.31 7.91
C GLU A 76 3.22 -7.30 6.48
N CYS A 77 4.30 -8.02 6.13
CA CYS A 77 4.74 -8.12 4.75
C CYS A 77 4.67 -9.55 4.32
N ILE A 78 4.52 -9.76 3.02
CA ILE A 78 4.53 -11.11 2.39
C ILE A 78 5.91 -11.12 1.80
N VAL A 79 6.70 -12.13 2.12
CA VAL A 79 8.08 -12.25 1.56
C VAL A 79 8.06 -13.11 0.27
N LEU A 80 8.56 -12.53 -0.81
CA LEU A 80 8.55 -13.11 -2.13
C LEU A 80 9.96 -13.19 -2.69
N VAL A 81 10.13 -14.04 -3.66
CA VAL A 81 11.45 -14.20 -4.29
C VAL A 81 11.37 -13.96 -5.78
N LYS A 82 12.43 -13.38 -6.34
CA LYS A 82 12.54 -13.11 -7.79
C LYS A 82 13.78 -13.88 -8.31
N GLN A 83 13.58 -14.71 -9.36
CA GLN A 83 14.55 -15.60 -9.89
C GLN A 83 14.37 -15.69 -11.38
N PHE A 84 15.45 -15.99 -12.08
CA PHE A 84 15.33 -16.33 -13.49
C PHE A 84 14.83 -17.79 -13.59
N ARG A 85 13.83 -17.99 -14.41
CA ARG A 85 13.22 -19.25 -14.70
C ARG A 85 13.46 -19.61 -16.14
N PRO A 86 14.34 -20.59 -16.37
CA PRO A 86 14.60 -20.98 -17.72
C PRO A 86 13.36 -21.39 -18.55
N PRO A 87 12.39 -22.18 -18.02
CA PRO A 87 11.19 -22.45 -18.81
C PRO A 87 10.48 -21.21 -19.34
N MET A 88 10.47 -20.16 -18.54
CA MET A 88 9.85 -18.94 -18.89
C MET A 88 10.70 -18.01 -19.74
N GLY A 89 12.03 -18.24 -19.82
CA GLY A 89 12.92 -17.23 -20.44
C GLY A 89 12.96 -15.84 -19.85
N GLY A 90 12.88 -15.72 -18.53
CA GLY A 90 12.75 -14.43 -17.90
C GLY A 90 12.62 -14.56 -16.37
N TYR A 91 12.55 -13.41 -15.71
CA TYR A 91 12.42 -13.29 -14.27
C TYR A 91 10.92 -13.42 -13.80
N CYS A 92 10.71 -14.11 -12.67
CA CYS A 92 9.37 -14.42 -12.15
C CYS A 92 9.37 -14.10 -10.69
N ILE A 93 8.23 -13.59 -10.19
CA ILE A 93 8.11 -13.30 -8.75
C ILE A 93 7.17 -14.36 -8.17
N GLU A 94 7.66 -15.04 -7.14
CA GLU A 94 7.01 -16.23 -6.61
C GLU A 94 7.12 -16.32 -5.09
N PHE A 95 6.22 -17.11 -4.51
CA PHE A 95 6.42 -17.56 -3.10
C PHE A 95 7.74 -18.37 -3.12
N PRO A 96 8.55 -18.32 -2.04
CA PRO A 96 9.68 -19.20 -1.85
C PRO A 96 9.17 -20.67 -1.90
N ALA A 97 9.90 -21.53 -2.55
CA ALA A 97 9.42 -22.84 -2.91
C ALA A 97 10.55 -23.69 -3.25
N GLY A 98 10.35 -25.00 -3.08
CA GLY A 98 11.27 -26.05 -3.65
C GLY A 98 10.75 -27.44 -3.47
N LEU A 99 11.50 -28.39 -4.02
CA LEU A 99 11.05 -29.74 -3.94
C LEU A 99 11.26 -30.35 -2.53
N ILE A 100 10.46 -31.33 -2.17
CA ILE A 100 10.55 -31.96 -0.85
C ILE A 100 11.60 -33.06 -0.98
N ASP A 101 12.63 -33.06 -0.13
CA ASP A 101 13.74 -34.12 -0.24
C ASP A 101 13.11 -35.43 0.23
N ASP A 102 13.61 -36.59 -0.24
CA ASP A 102 13.04 -37.92 0.24
C ASP A 102 13.11 -37.99 1.77
N GLY A 103 12.01 -38.32 2.42
CA GLY A 103 11.97 -38.47 3.88
C GLY A 103 11.71 -37.20 4.63
N GLU A 104 11.70 -36.07 3.92
CA GLU A 104 11.50 -34.80 4.54
C GLU A 104 9.96 -34.53 4.69
N THR A 105 9.57 -33.91 5.78
CA THR A 105 8.14 -33.55 5.94
C THR A 105 7.87 -32.25 5.06
N PRO A 106 6.63 -32.04 4.62
CA PRO A 106 6.34 -30.72 3.93
C PRO A 106 6.72 -29.54 4.81
N GLU A 107 6.42 -29.57 6.09
CA GLU A 107 6.75 -28.44 7.01
C GLU A 107 8.26 -28.18 7.11
N ALA A 108 9.02 -29.24 7.30
CA ALA A 108 10.52 -29.16 7.28
C ALA A 108 11.06 -28.59 5.94
N ALA A 109 10.56 -29.11 4.82
CA ALA A 109 10.92 -28.59 3.52
C ALA A 109 10.64 -27.12 3.42
N ALA A 110 9.44 -26.69 3.85
CA ALA A 110 9.07 -25.26 3.83
C ALA A 110 9.99 -24.37 4.62
N LEU A 111 10.25 -24.71 5.87
CA LEU A 111 11.08 -23.88 6.71
C LEU A 111 12.52 -23.89 6.16
N ARG A 112 12.95 -25.01 5.66
CA ARG A 112 14.31 -25.12 5.04
C ARG A 112 14.44 -24.25 3.77
N GLU A 113 13.57 -24.48 2.80
CA GLU A 113 13.51 -23.65 1.62
C GLU A 113 13.44 -22.14 1.93
N LEU A 114 12.55 -21.77 2.86
CA LEU A 114 12.44 -20.38 3.27
C LEU A 114 13.77 -19.81 3.76
N GLU A 115 14.45 -20.56 4.62
CA GLU A 115 15.73 -20.10 5.10
C GLU A 115 16.78 -20.04 4.00
N GLU A 116 16.83 -21.05 3.14
CA GLU A 116 17.78 -21.13 2.06
C GLU A 116 17.61 -19.99 1.07
N GLU A 117 16.36 -19.65 0.75
CA GLU A 117 16.09 -18.68 -0.34
C GLU A 117 16.04 -17.25 0.19
N THR A 118 15.65 -17.06 1.44
CA THR A 118 15.49 -15.70 2.00
C THR A 118 16.36 -15.34 3.18
N GLY A 119 16.86 -16.33 3.88
CA GLY A 119 17.51 -16.07 5.14
C GLY A 119 16.63 -16.13 6.37
N TYR A 120 15.32 -16.01 6.23
CA TYR A 120 14.47 -15.94 7.34
C TYR A 120 14.22 -17.31 7.96
N LYS A 121 14.14 -17.29 9.29
CA LYS A 121 13.79 -18.43 10.06
C LYS A 121 12.36 -18.34 10.55
N GLY A 122 11.51 -19.12 9.93
CA GLY A 122 10.07 -19.01 10.22
C GLY A 122 9.54 -19.90 11.29
N ASP A 123 8.27 -19.74 11.61
CA ASP A 123 7.49 -20.63 12.52
C ASP A 123 6.30 -21.18 11.75
N ILE A 124 6.05 -22.48 11.79
CA ILE A 124 4.92 -23.04 11.06
C ILE A 124 3.59 -22.45 11.59
N ALA A 125 2.70 -22.04 10.68
CA ALA A 125 1.28 -21.73 11.01
C ALA A 125 0.32 -22.73 10.55
N GLU A 126 0.39 -23.17 9.31
CA GLU A 126 -0.57 -24.14 8.73
C GLU A 126 0.04 -24.75 7.52
N CYS A 127 -0.50 -25.87 7.16
CA CYS A 127 0.01 -26.68 6.02
C CYS A 127 -1.18 -27.25 5.27
N SER A 128 -1.29 -26.90 4.00
CA SER A 128 -2.38 -27.41 3.15
C SER A 128 -2.26 -28.90 2.85
N PRO A 129 -3.37 -29.52 2.46
CA PRO A 129 -3.20 -30.75 1.67
C PRO A 129 -2.43 -30.51 0.34
N ALA A 130 -2.01 -31.61 -0.28
CA ALA A 130 -1.40 -31.54 -1.56
C ALA A 130 -2.39 -30.96 -2.57
N VAL A 131 -1.94 -29.89 -3.20
CA VAL A 131 -2.72 -29.15 -4.21
C VAL A 131 -2.01 -29.13 -5.58
N CYS A 132 -2.77 -29.06 -6.67
CA CYS A 132 -2.25 -29.37 -8.02
C CYS A 132 -1.83 -28.09 -8.68
N MET A 133 -0.63 -28.13 -9.29
CA MET A 133 -0.09 -27.03 -9.99
C MET A 133 -0.70 -26.62 -11.34
N ASP A 134 -1.04 -27.59 -12.17
CA ASP A 134 -1.60 -27.31 -13.48
C ASP A 134 -2.17 -28.65 -13.96
N PRO A 135 -3.39 -28.97 -13.52
CA PRO A 135 -3.82 -30.34 -13.58
C PRO A 135 -4.26 -30.77 -14.96
N GLY A 136 -4.48 -29.83 -15.88
CA GLY A 136 -4.74 -30.17 -17.27
C GLY A 136 -3.46 -30.57 -18.02
N LEU A 137 -2.35 -30.36 -17.40
CA LEU A 137 -1.03 -30.58 -18.00
C LEU A 137 -0.14 -31.59 -17.28
N SER A 138 -0.03 -31.46 -15.96
CA SER A 138 0.88 -32.24 -15.15
C SER A 138 0.23 -32.87 -13.90
N ASN A 139 0.91 -33.82 -13.32
CA ASN A 139 0.52 -34.40 -12.03
C ASN A 139 1.16 -33.63 -10.87
N CYS A 140 1.83 -32.54 -11.13
CA CYS A 140 2.62 -31.90 -10.08
C CYS A 140 1.76 -31.32 -9.01
N THR A 141 2.23 -31.56 -7.77
CA THR A 141 1.55 -31.11 -6.58
C THR A 141 2.55 -30.47 -5.61
N ILE A 142 1.96 -29.54 -4.82
CA ILE A 142 2.62 -28.97 -3.65
C ILE A 142 1.81 -28.98 -2.43
N HIS A 143 2.48 -28.79 -1.29
CA HIS A 143 1.82 -28.26 -0.11
C HIS A 143 2.11 -26.77 -0.01
N ILE A 144 1.07 -26.00 0.29
CA ILE A 144 1.17 -24.60 0.51
C ILE A 144 1.28 -24.44 2.02
N VAL A 145 2.42 -23.97 2.45
CA VAL A 145 2.73 -23.86 3.92
C VAL A 145 2.86 -22.42 4.32
N THR A 146 1.96 -22.01 5.19
CA THR A 146 1.93 -20.64 5.81
C THR A 146 2.84 -20.67 6.98
N VAL A 147 3.77 -19.70 7.05
CA VAL A 147 4.77 -19.60 8.07
C VAL A 147 4.78 -18.15 8.48
N THR A 148 4.85 -17.87 9.74
CA THR A 148 5.12 -16.49 10.24
C THR A 148 6.59 -16.29 10.58
N ILE A 149 7.16 -15.10 10.32
CA ILE A 149 8.51 -14.80 10.60
C ILE A 149 8.49 -13.70 11.65
N ASN A 150 9.23 -13.92 12.75
CA ASN A 150 9.20 -12.95 13.86
C ASN A 150 10.42 -12.10 13.48
N GLY A 151 10.14 -11.00 12.74
CA GLY A 151 11.16 -10.08 12.37
C GLY A 151 11.69 -9.25 13.54
N ASP A 152 11.09 -9.35 14.73
CA ASP A 152 11.75 -8.76 15.96
C ASP A 152 12.89 -9.65 16.56
N ASP A 153 12.92 -10.95 16.24
CA ASP A 153 13.98 -11.82 16.70
C ASP A 153 15.32 -11.48 16.01
N ALA A 154 16.41 -11.43 16.77
CA ALA A 154 17.75 -11.09 16.23
C ALA A 154 18.24 -12.06 15.11
N GLU A 155 17.76 -13.32 15.14
CA GLU A 155 18.04 -14.28 14.04
C GLU A 155 17.61 -13.70 12.70
N ASN A 156 16.54 -12.92 12.72
CA ASN A 156 15.92 -12.45 11.49
C ASN A 156 16.22 -11.01 11.20
N ALA A 157 17.30 -10.49 11.79
CA ALA A 157 17.51 -9.05 11.77
C ALA A 157 18.12 -8.69 10.44
N ARG A 158 19.25 -9.31 10.08
CA ARG A 158 19.89 -8.99 8.80
C ARG A 158 20.12 -10.30 8.00
N PRO A 159 19.03 -11.01 7.68
CA PRO A 159 19.05 -12.40 7.17
C PRO A 159 19.83 -12.59 5.85
N LYS A 160 20.70 -13.58 5.76
CA LYS A 160 21.46 -13.86 4.52
C LYS A 160 20.96 -15.16 3.86
N PRO A 161 20.53 -15.10 2.60
CA PRO A 161 20.26 -16.39 1.94
C PRO A 161 21.41 -17.46 2.04
N LYS A 162 21.05 -18.72 1.84
CA LYS A 162 21.99 -19.83 1.68
C LYS A 162 21.57 -20.59 0.42
N PRO A 163 21.65 -19.93 -0.74
CA PRO A 163 21.18 -20.58 -1.96
C PRO A 163 22.07 -21.79 -2.35
N GLY A 164 21.44 -22.86 -2.81
CA GLY A 164 22.15 -24.07 -3.22
C GLY A 164 22.75 -23.82 -4.57
N ASP A 165 23.40 -24.84 -5.12
CA ASP A 165 24.13 -24.68 -6.39
C ASP A 165 23.15 -24.34 -7.56
N GLY A 166 23.44 -23.26 -8.28
CA GLY A 166 22.59 -22.79 -9.39
C GLY A 166 21.32 -22.03 -8.98
N GLU A 167 21.20 -21.72 -7.69
CA GLU A 167 20.10 -20.90 -7.20
C GLU A 167 20.62 -19.51 -7.09
N PHE A 168 19.89 -18.56 -7.69
CA PHE A 168 20.21 -17.14 -7.64
C PHE A 168 18.93 -16.36 -7.36
N VAL A 169 18.78 -15.95 -6.12
CA VAL A 169 17.51 -15.47 -5.63
C VAL A 169 17.60 -14.06 -5.04
N GLU A 170 16.66 -13.20 -5.44
CA GLU A 170 16.48 -11.87 -4.82
C GLU A 170 15.22 -11.93 -3.97
N VAL A 171 15.26 -11.36 -2.77
CA VAL A 171 14.15 -11.28 -1.86
C VAL A 171 13.40 -9.96 -1.97
N ILE A 172 12.08 -10.04 -2.06
CA ILE A 172 11.25 -8.86 -2.16
C ILE A 172 10.12 -8.97 -1.18
N SER A 173 10.14 -8.09 -0.18
CA SER A 173 9.05 -8.05 0.81
C SER A 173 8.07 -6.98 0.58
N LEU A 174 6.78 -7.30 0.55
CA LEU A 174 5.77 -6.29 0.18
C LEU A 174 4.70 -6.29 1.19
N PRO A 175 4.17 -5.09 1.54
CA PRO A 175 3.12 -5.05 2.53
C PRO A 175 1.91 -5.77 2.15
N LYS A 176 1.44 -6.65 3.04
CA LYS A 176 0.22 -7.35 2.80
C LYS A 176 -1.01 -6.52 2.41
N ASN A 177 -1.15 -5.37 3.08
CA ASN A 177 -2.31 -4.53 2.94
C ASN A 177 -2.28 -3.77 1.60
N ASP A 178 -1.25 -3.94 0.82
CA ASP A 178 -1.21 -3.27 -0.54
C ASP A 178 -0.54 -4.20 -1.55
N LEU A 179 -0.65 -5.53 -1.37
CA LEU A 179 0.18 -6.42 -2.17
C LEU A 179 -0.11 -6.35 -3.70
N LEU A 180 -1.36 -6.35 -4.07
CA LEU A 180 -1.74 -6.34 -5.46
C LEU A 180 -1.21 -5.07 -6.18
N GLN A 181 -1.35 -3.91 -5.58
CA GLN A 181 -0.87 -2.71 -6.27
C GLN A 181 0.62 -2.70 -6.34
N ARG A 182 1.24 -3.26 -5.32
CA ARG A 182 2.67 -3.24 -5.28
C ARG A 182 3.27 -4.19 -6.30
N LEU A 183 2.64 -5.34 -6.47
CA LEU A 183 2.95 -6.24 -7.57
C LEU A 183 2.74 -5.60 -8.97
N ASP A 184 1.57 -4.99 -9.13
CA ASP A 184 1.26 -4.24 -10.38
C ASP A 184 2.38 -3.21 -10.63
N ALA A 185 2.82 -2.47 -9.61
CA ALA A 185 3.88 -1.50 -9.79
C ALA A 185 5.20 -2.10 -10.19
N LEU A 186 5.57 -3.28 -9.65
CA LEU A 186 6.76 -3.99 -10.17
C LEU A 186 6.62 -4.49 -11.61
N VAL A 187 5.43 -4.95 -12.00
CA VAL A 187 5.19 -5.45 -13.37
C VAL A 187 5.25 -4.24 -14.34
N ALA A 188 4.74 -3.08 -13.89
CA ALA A 188 4.82 -1.85 -14.71
C ALA A 188 6.30 -1.43 -15.00
N GLU A 189 7.21 -1.67 -14.06
CA GLU A 189 8.59 -1.18 -14.12
C GLU A 189 9.69 -2.02 -14.81
N GLU A 190 9.44 -3.33 -14.98
CA GLU A 190 10.34 -4.22 -15.71
C GLU A 190 9.59 -5.38 -16.34
N HIS A 191 10.26 -6.11 -17.24
CA HIS A 191 9.71 -7.34 -17.78
C HIS A 191 9.86 -8.41 -16.70
N LEU A 192 8.75 -8.79 -16.10
CA LEU A 192 8.80 -9.88 -15.13
C LEU A 192 7.41 -10.43 -15.09
N THR A 193 7.29 -11.65 -14.64
CA THR A 193 5.99 -12.29 -14.59
C THR A 193 5.68 -12.58 -13.11
N VAL A 194 4.44 -12.31 -12.67
CA VAL A 194 4.10 -12.68 -11.35
C VAL A 194 3.52 -14.08 -11.46
N ASP A 195 3.86 -14.90 -10.49
CA ASP A 195 3.27 -16.22 -10.38
C ASP A 195 1.76 -16.24 -10.09
N ALA A 196 1.08 -17.17 -10.71
CA ALA A 196 -0.36 -17.18 -10.58
C ALA A 196 -0.91 -17.40 -9.16
N ARG A 197 -0.19 -18.17 -8.35
CA ARG A 197 -0.56 -18.37 -6.93
C ARG A 197 -0.34 -17.07 -6.12
N VAL A 198 0.73 -16.37 -6.36
CA VAL A 198 0.93 -15.05 -5.75
C VAL A 198 -0.19 -14.09 -6.14
N TYR A 199 -0.58 -14.14 -7.42
CA TYR A 199 -1.53 -13.13 -7.93
C TYR A 199 -2.91 -13.46 -7.34
N SER A 200 -3.19 -14.73 -7.19
CA SER A 200 -4.46 -15.19 -6.70
C SER A 200 -4.61 -14.74 -5.26
N TYR A 201 -3.53 -14.87 -4.51
CA TYR A 201 -3.48 -14.55 -3.07
C TYR A 201 -3.61 -13.03 -2.91
N ALA A 202 -2.88 -12.26 -3.72
CA ALA A 202 -3.10 -10.80 -3.73
C ALA A 202 -4.51 -10.33 -4.11
N LEU A 203 -5.13 -10.96 -5.09
CA LEU A 203 -6.51 -10.67 -5.44
C LEU A 203 -7.52 -10.93 -4.33
N ALA A 204 -7.40 -12.11 -3.66
CA ALA A 204 -8.25 -12.38 -2.49
C ALA A 204 -8.06 -11.33 -1.40
N LEU A 205 -6.83 -10.88 -1.17
CA LEU A 205 -6.57 -9.87 -0.14
C LEU A 205 -7.36 -8.56 -0.50
N LYS A 206 -7.34 -8.17 -1.78
CA LYS A 206 -8.19 -7.06 -2.28
C LYS A 206 -9.66 -7.37 -2.12
N HIS A 207 -10.13 -8.55 -2.55
CA HIS A 207 -11.54 -8.91 -2.49
C HIS A 207 -12.14 -9.12 -1.09
N ALA A 208 -11.32 -9.42 -0.06
CA ALA A 208 -11.84 -9.54 1.26
C ALA A 208 -12.01 -8.08 1.77
N LYS B 15 20.86 -10.15 -16.49
CA LYS B 15 22.16 -10.86 -16.30
C LYS B 15 22.04 -12.32 -16.77
N GLN B 16 20.88 -12.95 -16.58
CA GLN B 16 20.66 -14.32 -17.05
C GLN B 16 19.85 -14.33 -18.33
N TYR B 17 20.11 -15.31 -19.18
CA TYR B 17 19.41 -15.35 -20.46
C TYR B 17 19.51 -16.69 -21.11
N ILE B 18 18.58 -16.94 -22.03
CA ILE B 18 18.52 -18.17 -22.75
C ILE B 18 19.57 -18.09 -23.89
N ILE B 19 20.22 -19.19 -24.12
CA ILE B 19 21.23 -19.30 -25.16
C ILE B 19 20.54 -20.05 -26.29
N SER B 20 20.07 -21.28 -26.03
CA SER B 20 19.40 -22.11 -27.03
C SER B 20 18.40 -23.05 -26.41
N GLU B 21 17.48 -23.55 -27.26
CA GLU B 21 16.49 -24.51 -26.81
C GLU B 21 16.63 -25.70 -27.76
N GLU B 22 16.75 -26.90 -27.21
CA GLU B 22 16.81 -28.11 -28.00
C GLU B 22 15.51 -28.83 -27.87
N LEU B 23 14.77 -28.97 -28.95
CA LEU B 23 13.64 -29.90 -28.91
C LEU B 23 14.01 -31.33 -28.48
N ILE B 24 13.33 -31.86 -27.46
CA ILE B 24 13.55 -33.26 -27.02
C ILE B 24 12.40 -34.10 -27.53
N SER B 25 11.16 -33.62 -27.39
CA SER B 25 10.03 -34.44 -27.77
C SER B 25 8.78 -33.57 -27.90
N GLU B 26 7.99 -33.77 -28.97
CA GLU B 26 6.85 -32.93 -29.31
C GLU B 26 5.64 -33.77 -29.56
N GLY B 27 4.61 -33.61 -28.73
CA GLY B 27 3.34 -34.26 -28.98
C GLY B 27 2.44 -33.34 -29.76
N LYS B 28 1.17 -33.66 -29.78
CA LYS B 28 0.16 -32.81 -30.34
C LYS B 28 -0.12 -31.57 -29.47
N TRP B 29 -0.10 -31.73 -28.15
CA TRP B 29 -0.46 -30.68 -27.19
C TRP B 29 0.73 -30.12 -26.35
N VAL B 30 1.73 -30.95 -26.10
CA VAL B 30 2.84 -30.59 -25.18
C VAL B 30 4.14 -30.99 -25.87
N LYS B 31 5.18 -30.18 -25.68
CA LYS B 31 6.57 -30.58 -25.90
C LYS B 31 7.53 -30.37 -24.72
N LEU B 32 8.66 -31.10 -24.76
CA LEU B 32 9.72 -31.07 -23.80
C LEU B 32 10.98 -30.59 -24.48
N GLU B 33 11.61 -29.59 -23.89
CA GLU B 33 12.83 -28.94 -24.45
C GLU B 33 13.97 -28.99 -23.47
N LYS B 34 15.21 -28.96 -23.95
CA LYS B 34 16.36 -28.79 -23.09
C LYS B 34 16.83 -27.39 -23.38
N THR B 35 16.76 -26.53 -22.36
CA THR B 35 17.03 -25.12 -22.44
C THR B 35 18.42 -24.89 -21.94
N THR B 36 19.26 -24.28 -22.77
CA THR B 36 20.55 -23.87 -22.26
C THR B 36 20.54 -22.38 -21.91
N TYR B 37 21.06 -22.04 -20.74
CA TYR B 37 21.06 -20.66 -20.25
C TYR B 37 22.36 -20.32 -19.57
N MET B 38 22.60 -19.03 -19.50
CA MET B 38 23.79 -18.46 -18.85
C MET B 38 23.39 -18.04 -17.44
N ASP B 39 24.08 -18.61 -16.47
CA ASP B 39 23.89 -18.25 -15.11
C ASP B 39 24.66 -16.95 -14.82
N PRO B 40 24.38 -16.30 -13.69
CA PRO B 40 24.93 -14.95 -13.48
C PRO B 40 26.44 -14.91 -13.27
N THR B 41 27.03 -16.03 -12.86
CA THR B 41 28.47 -16.14 -12.79
C THR B 41 29.16 -16.21 -14.14
N GLY B 42 28.43 -16.42 -15.24
CA GLY B 42 29.00 -16.68 -16.57
C GLY B 42 29.19 -18.16 -16.92
N LYS B 43 28.48 -19.04 -16.20
CA LYS B 43 28.55 -20.48 -16.39
C LYS B 43 27.30 -20.93 -17.12
N THR B 44 27.47 -21.67 -18.20
CA THR B 44 26.36 -22.25 -18.95
C THR B 44 25.73 -23.42 -18.21
N ARG B 45 24.38 -23.47 -18.18
CA ARG B 45 23.62 -24.53 -17.45
C ARG B 45 22.45 -24.97 -18.31
N THR B 46 21.87 -26.14 -17.99
CA THR B 46 20.73 -26.68 -18.68
C THR B 46 19.51 -26.86 -17.74
N TRP B 47 18.36 -26.86 -18.37
CA TRP B 47 17.05 -26.99 -17.65
C TRP B 47 16.11 -27.79 -18.53
N GLU B 48 15.28 -28.63 -17.92
CA GLU B 48 14.31 -29.38 -18.74
C GLU B 48 12.99 -28.64 -18.57
N SER B 49 12.46 -28.16 -19.71
CA SER B 49 11.37 -27.24 -19.78
C SER B 49 10.25 -27.84 -20.58
N VAL B 50 9.02 -27.66 -20.08
CA VAL B 50 7.82 -28.04 -20.80
C VAL B 50 7.15 -26.82 -21.45
N LYS B 51 6.63 -26.99 -22.65
CA LYS B 51 5.75 -25.97 -23.24
C LYS B 51 4.54 -26.59 -23.94
N ARG B 52 3.45 -25.81 -23.98
CA ARG B 52 2.32 -26.16 -24.86
C ARG B 52 2.67 -25.84 -26.31
N THR B 53 2.11 -26.63 -27.22
CA THR B 53 2.28 -26.39 -28.68
C THR B 53 1.18 -25.51 -29.27
N THR B 54 0.20 -25.09 -28.47
CA THR B 54 -0.98 -24.35 -28.90
C THR B 54 -0.90 -22.79 -28.83
N ARG B 55 0.11 -22.20 -28.21
CA ARG B 55 0.12 -20.76 -28.06
C ARG B 55 0.29 -20.03 -29.42
N LYS B 56 -0.28 -18.81 -29.56
CA LYS B 56 0.05 -17.84 -30.66
C LYS B 56 1.05 -16.79 -30.15
N GLN B 58 -1.05 -14.79 -28.89
CA GLN B 58 -1.81 -14.72 -27.64
C GLN B 58 -1.00 -14.02 -26.54
N THR B 59 -1.72 -13.31 -25.67
CA THR B 59 -1.23 -12.76 -24.37
C THR B 59 -0.72 -13.85 -23.40
N ALA B 60 -1.16 -15.11 -23.59
CA ALA B 60 -1.07 -16.18 -22.58
C ALA B 60 -1.68 -17.43 -23.16
N ASP B 61 -1.42 -18.57 -22.53
CA ASP B 61 -2.02 -19.84 -23.00
C ASP B 61 -3.51 -19.85 -22.74
N GLY B 62 -3.88 -19.41 -21.54
CA GLY B 62 -5.19 -19.70 -20.93
C GLY B 62 -5.74 -18.52 -20.14
N VAL B 63 -6.98 -18.68 -19.71
CA VAL B 63 -7.59 -17.86 -18.70
C VAL B 63 -8.09 -18.77 -17.60
N ALA B 64 -8.15 -18.23 -16.39
CA ALA B 64 -8.88 -18.86 -15.29
C ALA B 64 -9.81 -17.77 -14.73
N VAL B 65 -10.99 -18.15 -14.40
CA VAL B 65 -12.00 -17.25 -14.01
C VAL B 65 -12.32 -17.43 -12.53
N ILE B 66 -12.26 -16.31 -11.83
CA ILE B 66 -12.76 -16.18 -10.54
C ILE B 66 -14.23 -15.68 -10.60
N PRO B 67 -15.22 -16.59 -10.40
CA PRO B 67 -16.59 -16.18 -10.64
C PRO B 67 -17.33 -15.99 -9.33
N VAL B 68 -17.62 -14.73 -9.04
CA VAL B 68 -18.31 -14.33 -7.83
C VAL B 68 -19.83 -14.28 -8.11
N LEU B 69 -20.51 -15.30 -7.63
CA LEU B 69 -21.95 -15.38 -7.73
C LEU B 69 -22.65 -14.58 -6.61
N GLN B 70 -23.36 -13.55 -7.04
CA GLN B 70 -24.03 -12.62 -6.12
C GLN B 70 -25.56 -12.75 -6.18
N ARG B 71 -26.19 -13.20 -5.12
CA ARG B 71 -27.64 -13.31 -5.05
C ARG B 71 -28.04 -12.53 -3.80
N THR B 72 -29.02 -11.69 -3.94
CA THR B 72 -29.45 -10.97 -2.78
C THR B 72 -30.02 -11.94 -1.72
N LEU B 73 -29.81 -11.58 -0.45
CA LEU B 73 -30.16 -12.37 0.72
C LEU B 73 -29.51 -13.75 0.84
N HIS B 74 -28.38 -13.92 0.16
CA HIS B 74 -27.63 -15.18 0.18
C HIS B 74 -26.19 -14.80 0.41
N TYR B 75 -25.38 -15.73 0.93
CA TYR B 75 -23.93 -15.45 0.88
C TYR B 75 -23.40 -15.35 -0.54
N GLU B 76 -22.39 -14.50 -0.76
CA GLU B 76 -21.64 -14.50 -2.00
C GLU B 76 -20.95 -15.84 -2.09
N CYS B 77 -20.94 -16.42 -3.29
CA CYS B 77 -20.29 -17.71 -3.58
C CYS B 77 -19.20 -17.56 -4.66
N ILE B 78 -18.25 -18.47 -4.58
CA ILE B 78 -17.26 -18.58 -5.62
C ILE B 78 -17.63 -19.84 -6.36
N VAL B 79 -17.82 -19.72 -7.66
CA VAL B 79 -18.23 -20.87 -8.49
C VAL B 79 -17.02 -21.71 -8.97
N LEU B 80 -16.98 -22.98 -8.66
CA LEU B 80 -15.83 -23.81 -9.05
C LEU B 80 -16.30 -24.99 -9.85
N VAL B 81 -15.35 -25.61 -10.49
CA VAL B 81 -15.66 -26.77 -11.28
C VAL B 81 -14.87 -27.97 -10.83
N LYS B 82 -15.50 -29.13 -10.94
CA LYS B 82 -14.90 -30.44 -10.60
C LYS B 82 -14.84 -31.29 -11.89
N GLN B 83 -13.65 -31.83 -12.19
CA GLN B 83 -13.44 -32.59 -13.44
C GLN B 83 -12.35 -33.65 -13.22
N PHE B 84 -12.41 -34.72 -14.02
CA PHE B 84 -11.40 -35.77 -13.99
C PHE B 84 -10.24 -35.17 -14.77
N ARG B 85 -9.06 -35.25 -14.18
CA ARG B 85 -7.85 -34.69 -14.85
C ARG B 85 -6.90 -35.82 -15.14
N PRO B 86 -6.83 -36.25 -16.40
CA PRO B 86 -5.92 -37.43 -16.66
C PRO B 86 -4.46 -37.33 -16.15
N PRO B 87 -3.83 -36.15 -16.22
CA PRO B 87 -2.48 -36.14 -15.62
C PRO B 87 -2.48 -36.42 -14.14
N MET B 88 -3.53 -36.00 -13.41
CA MET B 88 -3.53 -36.25 -11.98
C MET B 88 -3.99 -37.63 -11.67
N GLY B 89 -4.66 -38.33 -12.60
CA GLY B 89 -5.29 -39.65 -12.27
C GLY B 89 -6.49 -39.57 -11.40
N GLY B 90 -7.11 -38.39 -11.31
CA GLY B 90 -8.17 -38.18 -10.32
C GLY B 90 -8.95 -36.92 -10.57
N TYR B 91 -9.92 -36.66 -9.71
CA TYR B 91 -10.77 -35.46 -9.82
C TYR B 91 -10.14 -34.26 -9.05
N CYS B 92 -10.19 -33.09 -9.68
CA CYS B 92 -9.71 -31.83 -9.17
C CYS B 92 -10.78 -30.77 -9.10
N ILE B 93 -10.69 -29.89 -8.11
CA ILE B 93 -11.60 -28.75 -7.95
C ILE B 93 -10.79 -27.51 -8.40
N GLU B 94 -11.34 -26.76 -9.31
CA GLU B 94 -10.64 -25.67 -10.02
C GLU B 94 -11.52 -24.45 -10.35
N PHE B 95 -10.90 -23.32 -10.57
CA PHE B 95 -11.58 -22.17 -11.20
C PHE B 95 -11.93 -22.57 -12.63
N PRO B 96 -13.15 -22.21 -13.10
CA PRO B 96 -13.40 -22.44 -14.54
C PRO B 96 -12.27 -21.83 -15.39
N ALA B 97 -11.90 -22.52 -16.46
CA ALA B 97 -10.66 -22.23 -17.17
C ALA B 97 -10.59 -22.99 -18.46
N GLY B 98 -10.01 -22.31 -19.41
CA GLY B 98 -9.60 -22.98 -20.65
C GLY B 98 -8.63 -22.13 -21.46
N LEU B 99 -8.16 -22.69 -22.57
CA LEU B 99 -7.23 -21.96 -23.48
C LEU B 99 -7.92 -20.83 -24.27
N ILE B 100 -7.18 -19.78 -24.56
CA ILE B 100 -7.69 -18.65 -25.30
C ILE B 100 -7.64 -19.03 -26.80
N ASP B 101 -8.75 -18.88 -27.51
CA ASP B 101 -8.79 -19.16 -28.98
C ASP B 101 -7.94 -18.17 -29.72
N ASP B 102 -7.35 -18.59 -30.85
CA ASP B 102 -6.61 -17.66 -31.76
C ASP B 102 -7.49 -16.45 -32.14
N GLY B 103 -7.00 -15.24 -31.90
CA GLY B 103 -7.78 -14.03 -32.11
C GLY B 103 -8.91 -13.73 -31.14
N GLU B 104 -8.90 -14.35 -29.97
CA GLU B 104 -9.86 -14.06 -28.91
C GLU B 104 -9.11 -13.26 -27.85
N THR B 105 -9.82 -12.36 -27.21
CA THR B 105 -9.26 -11.59 -26.11
C THR B 105 -9.39 -12.37 -24.76
N PRO B 106 -8.51 -12.07 -23.77
CA PRO B 106 -8.65 -12.82 -22.50
C PRO B 106 -10.03 -12.65 -21.82
N GLU B 107 -10.54 -11.43 -21.83
CA GLU B 107 -11.92 -11.18 -21.30
C GLU B 107 -13.00 -12.04 -21.95
N ALA B 108 -13.00 -12.04 -23.26
CA ALA B 108 -13.98 -12.78 -24.02
C ALA B 108 -13.83 -14.27 -23.81
N ALA B 109 -12.60 -14.76 -23.70
CA ALA B 109 -12.33 -16.18 -23.36
C ALA B 109 -12.87 -16.53 -22.00
N ALA B 110 -12.80 -15.59 -21.07
CA ALA B 110 -13.28 -15.83 -19.69
C ALA B 110 -14.76 -15.97 -19.66
N LEU B 111 -15.46 -15.05 -20.34
CA LEU B 111 -16.91 -15.17 -20.37
C LEU B 111 -17.34 -16.38 -21.12
N ARG B 112 -16.65 -16.74 -22.22
CA ARG B 112 -16.99 -17.93 -22.97
C ARG B 112 -16.79 -19.15 -22.14
N GLU B 113 -15.56 -19.33 -21.57
CA GLU B 113 -15.31 -20.50 -20.73
C GLU B 113 -16.26 -20.64 -19.58
N LEU B 114 -16.55 -19.53 -18.92
CA LEU B 114 -17.46 -19.56 -17.80
C LEU B 114 -18.84 -20.06 -18.19
N GLU B 115 -19.35 -19.56 -19.30
CA GLU B 115 -20.61 -20.08 -19.83
C GLU B 115 -20.58 -21.53 -20.25
N GLU B 116 -19.56 -21.96 -20.98
CA GLU B 116 -19.46 -23.39 -21.37
C GLU B 116 -19.43 -24.35 -20.18
N GLU B 117 -18.64 -23.96 -19.17
CA GLU B 117 -18.36 -24.87 -18.07
C GLU B 117 -19.41 -24.81 -16.97
N THR B 118 -20.00 -23.64 -16.77
CA THR B 118 -20.97 -23.44 -15.69
C THR B 118 -22.41 -23.14 -16.15
N GLY B 119 -22.57 -22.73 -17.40
CA GLY B 119 -23.79 -22.09 -17.85
C GLY B 119 -24.00 -20.69 -17.32
N TYR B 120 -23.15 -20.11 -16.43
CA TYR B 120 -23.40 -18.74 -15.95
C TYR B 120 -22.93 -17.72 -16.91
N LYS B 121 -23.72 -16.63 -17.00
CA LYS B 121 -23.37 -15.40 -17.74
C LYS B 121 -22.97 -14.30 -16.83
N GLY B 122 -21.77 -13.79 -17.06
CA GLY B 122 -21.11 -12.99 -16.07
C GLY B 122 -20.68 -11.70 -16.68
N ASP B 123 -20.19 -10.82 -15.84
CA ASP B 123 -19.63 -9.52 -16.21
C ASP B 123 -18.19 -9.39 -15.78
N ILE B 124 -17.35 -8.84 -16.63
CA ILE B 124 -15.94 -8.62 -16.25
C ILE B 124 -15.75 -7.56 -15.16
N ALA B 125 -15.02 -7.91 -14.10
CA ALA B 125 -14.69 -6.94 -13.07
C ALA B 125 -13.26 -6.43 -13.23
N GLU B 126 -12.32 -7.35 -13.42
CA GLU B 126 -10.94 -7.00 -13.59
C GLU B 126 -10.21 -8.16 -14.27
N CYS B 127 -8.99 -7.90 -14.78
CA CYS B 127 -8.26 -8.87 -15.61
C CYS B 127 -6.79 -8.74 -15.26
N SER B 128 -6.15 -9.84 -14.87
CA SER B 128 -4.73 -9.74 -14.55
C SER B 128 -3.85 -9.63 -15.79
N PRO B 129 -2.61 -9.15 -15.64
CA PRO B 129 -1.57 -9.55 -16.60
C PRO B 129 -1.32 -11.06 -16.69
N ALA B 130 -0.54 -11.47 -17.69
CA ALA B 130 -0.22 -12.89 -17.85
C ALA B 130 0.56 -13.32 -16.61
N VAL B 131 0.15 -14.42 -16.00
CA VAL B 131 0.78 -14.92 -14.76
C VAL B 131 1.24 -16.37 -15.04
N CYS B 132 2.33 -16.80 -14.41
CA CYS B 132 2.84 -18.10 -14.73
C CYS B 132 2.27 -19.23 -13.87
N MET B 133 2.10 -20.39 -14.47
CA MET B 133 1.45 -21.49 -13.77
C MET B 133 2.43 -22.34 -12.91
N ASP B 134 3.62 -22.69 -13.50
CA ASP B 134 4.59 -23.46 -12.78
C ASP B 134 5.95 -23.19 -13.38
N PRO B 135 6.56 -22.05 -13.03
CA PRO B 135 7.63 -21.48 -13.88
C PRO B 135 8.93 -22.24 -13.76
N GLY B 136 9.07 -23.14 -12.74
CA GLY B 136 10.20 -24.02 -12.68
C GLY B 136 10.12 -25.20 -13.65
N LEU B 137 8.94 -25.43 -14.17
CA LEU B 137 8.75 -26.55 -15.04
C LEU B 137 8.34 -26.11 -16.44
N SER B 138 7.38 -25.18 -16.57
CA SER B 138 6.78 -24.84 -17.85
C SER B 138 6.79 -23.37 -18.16
N ASN B 139 6.48 -23.04 -19.40
CA ASN B 139 6.23 -21.65 -19.71
C ASN B 139 4.78 -21.22 -19.68
N CYS B 140 3.88 -22.08 -19.16
CA CYS B 140 2.43 -21.87 -19.23
C CYS B 140 2.01 -20.68 -18.44
N THR B 141 1.17 -19.85 -19.08
CA THR B 141 0.65 -18.65 -18.45
C THR B 141 -0.87 -18.50 -18.70
N ILE B 142 -1.52 -17.72 -17.83
CA ILE B 142 -2.94 -17.46 -17.91
C ILE B 142 -3.18 -16.06 -17.51
N HIS B 143 -4.38 -15.58 -17.85
CA HIS B 143 -4.88 -14.34 -17.27
C HIS B 143 -5.92 -14.80 -16.26
N ILE B 144 -5.85 -14.28 -15.04
CA ILE B 144 -6.86 -14.48 -14.06
C ILE B 144 -7.88 -13.36 -14.24
N VAL B 145 -9.14 -13.76 -14.45
CA VAL B 145 -10.22 -12.83 -14.77
C VAL B 145 -11.32 -12.92 -13.73
N THR B 146 -11.46 -11.82 -12.99
CA THR B 146 -12.47 -11.69 -11.96
C THR B 146 -13.75 -11.32 -12.69
N VAL B 147 -14.81 -12.07 -12.41
CA VAL B 147 -16.08 -11.88 -13.07
C VAL B 147 -17.14 -11.93 -12.01
N THR B 148 -18.13 -11.04 -12.05
CA THR B 148 -19.29 -11.15 -11.13
C THR B 148 -20.46 -11.75 -11.89
N ILE B 149 -21.31 -12.47 -11.21
CA ILE B 149 -22.46 -13.12 -11.82
C ILE B 149 -23.73 -12.67 -11.04
N ASN B 150 -24.62 -12.00 -11.78
CA ASN B 150 -25.84 -11.48 -11.13
C ASN B 150 -26.77 -12.65 -11.09
N GLY B 151 -26.71 -13.34 -9.95
CA GLY B 151 -27.46 -14.58 -9.77
C GLY B 151 -29.01 -14.35 -9.72
N ASP B 152 -29.44 -13.12 -9.65
CA ASP B 152 -30.86 -12.75 -9.55
C ASP B 152 -31.48 -12.50 -10.94
N ASP B 153 -30.65 -12.45 -12.00
CA ASP B 153 -31.12 -12.19 -13.38
C ASP B 153 -31.66 -13.47 -13.92
N ALA B 154 -32.65 -13.33 -14.82
CA ALA B 154 -33.32 -14.47 -15.37
C ALA B 154 -32.34 -15.33 -16.20
N GLU B 155 -31.32 -14.73 -16.81
CA GLU B 155 -30.42 -15.52 -17.66
C GLU B 155 -29.58 -16.49 -16.81
N ASN B 156 -29.42 -16.19 -15.50
CA ASN B 156 -28.68 -17.05 -14.54
C ASN B 156 -29.58 -17.81 -13.64
N ALA B 157 -30.92 -17.79 -13.91
CA ALA B 157 -31.80 -18.61 -13.09
C ALA B 157 -31.52 -20.14 -13.17
N ARG B 158 -31.51 -20.67 -14.39
CA ARG B 158 -31.35 -22.11 -14.62
C ARG B 158 -30.16 -22.21 -15.57
N PRO B 159 -28.93 -22.07 -15.02
CA PRO B 159 -27.76 -21.89 -15.90
C PRO B 159 -27.52 -23.07 -16.90
N LYS B 160 -27.50 -22.80 -18.20
CA LYS B 160 -27.32 -23.81 -19.26
C LYS B 160 -25.82 -24.07 -19.67
N PRO B 161 -25.12 -25.06 -19.05
CA PRO B 161 -23.68 -25.28 -19.38
C PRO B 161 -23.49 -25.97 -20.71
N LYS B 162 -22.71 -25.37 -21.62
CA LYS B 162 -22.43 -25.95 -22.94
C LYS B 162 -20.99 -26.59 -23.06
N PRO B 163 -20.77 -27.77 -22.46
CA PRO B 163 -19.47 -28.40 -22.61
C PRO B 163 -19.05 -28.62 -24.08
N GLY B 164 -17.78 -28.42 -24.41
CA GLY B 164 -17.23 -28.90 -25.69
C GLY B 164 -17.02 -30.43 -25.71
N ASP B 165 -16.49 -30.95 -26.81
CA ASP B 165 -16.20 -32.37 -26.89
C ASP B 165 -15.09 -32.75 -25.88
N GLY B 166 -15.37 -33.80 -25.12
CA GLY B 166 -14.48 -34.31 -24.08
C GLY B 166 -14.37 -33.53 -22.76
N GLU B 167 -15.22 -32.54 -22.52
CA GLU B 167 -15.34 -31.87 -21.22
C GLU B 167 -16.47 -32.49 -20.44
N PHE B 168 -16.20 -32.82 -19.19
CA PHE B 168 -17.23 -33.39 -18.32
C PHE B 168 -17.04 -32.66 -16.99
N VAL B 169 -17.89 -31.68 -16.80
CA VAL B 169 -17.72 -30.69 -15.72
C VAL B 169 -18.88 -30.66 -14.71
N GLU B 170 -18.61 -30.85 -13.41
CA GLU B 170 -19.58 -30.65 -12.33
C GLU B 170 -19.34 -29.29 -11.72
N VAL B 171 -20.40 -28.58 -11.37
CA VAL B 171 -20.28 -27.21 -10.86
C VAL B 171 -20.42 -27.24 -9.34
N ILE B 172 -19.54 -26.54 -8.63
CA ILE B 172 -19.53 -26.56 -7.17
C ILE B 172 -19.42 -25.12 -6.73
N SER B 173 -20.52 -24.57 -6.16
CA SER B 173 -20.51 -23.24 -5.58
C SER B 173 -20.34 -23.22 -4.08
N LEU B 174 -19.42 -22.38 -3.60
CA LEU B 174 -19.07 -22.40 -2.24
C LEU B 174 -19.07 -21.01 -1.72
N PRO B 175 -19.55 -20.83 -0.47
CA PRO B 175 -19.55 -19.46 0.04
C PRO B 175 -18.17 -18.87 0.18
N LYS B 176 -17.99 -17.64 -0.29
CA LYS B 176 -16.72 -16.96 -0.27
C LYS B 176 -16.19 -16.75 1.19
N ASN B 177 -17.09 -16.40 2.13
CA ASN B 177 -16.64 -16.09 3.52
C ASN B 177 -16.19 -17.33 4.36
N ASP B 178 -16.43 -18.54 3.87
CA ASP B 178 -15.97 -19.75 4.53
C ASP B 178 -15.18 -20.65 3.55
N LEU B 179 -14.59 -20.05 2.50
CA LEU B 179 -14.08 -20.85 1.29
C LEU B 179 -13.05 -21.88 1.70
N LEU B 180 -12.07 -21.50 2.52
CA LEU B 180 -10.99 -22.40 2.86
C LEU B 180 -11.47 -23.61 3.69
N GLN B 181 -12.28 -23.33 4.72
CA GLN B 181 -12.95 -24.45 5.47
C GLN B 181 -13.86 -25.35 4.62
N ARG B 182 -14.57 -24.77 3.66
CA ARG B 182 -15.36 -25.61 2.78
C ARG B 182 -14.52 -26.50 1.87
N LEU B 183 -13.40 -25.97 1.37
CA LEU B 183 -12.57 -26.76 0.50
C LEU B 183 -11.88 -27.92 1.26
N ASP B 184 -11.41 -27.61 2.44
CA ASP B 184 -10.72 -28.64 3.30
C ASP B 184 -11.68 -29.78 3.55
N ALA B 185 -12.92 -29.43 3.82
CA ALA B 185 -13.97 -30.42 4.04
C ALA B 185 -14.19 -31.31 2.84
N LEU B 186 -14.28 -30.73 1.64
CA LEU B 186 -14.39 -31.55 0.46
C LEU B 186 -13.23 -32.51 0.24
N VAL B 187 -12.00 -32.03 0.44
CA VAL B 187 -10.81 -32.85 0.34
C VAL B 187 -10.89 -34.02 1.36
N ALA B 188 -11.32 -33.70 2.59
CA ALA B 188 -11.39 -34.67 3.67
C ALA B 188 -12.42 -35.77 3.40
N GLU B 189 -13.53 -35.43 2.76
CA GLU B 189 -14.60 -36.38 2.54
C GLU B 189 -14.61 -37.04 1.16
N GLU B 190 -14.09 -36.38 0.14
CA GLU B 190 -14.36 -36.77 -1.28
C GLU B 190 -13.14 -37.26 -2.11
N HIS B 191 -11.94 -37.37 -1.52
CA HIS B 191 -10.64 -37.61 -2.26
C HIS B 191 -10.48 -36.85 -3.61
N LEU B 192 -10.60 -35.55 -3.47
CA LEU B 192 -10.40 -34.60 -4.54
C LEU B 192 -9.08 -33.86 -4.26
N THR B 193 -8.47 -33.34 -5.33
CA THR B 193 -7.36 -32.41 -5.23
C THR B 193 -7.82 -30.96 -5.57
N VAL B 194 -7.53 -30.02 -4.69
CA VAL B 194 -7.81 -28.66 -4.92
C VAL B 194 -6.68 -28.04 -5.69
N ASP B 195 -7.03 -27.25 -6.68
CA ASP B 195 -6.09 -26.42 -7.37
C ASP B 195 -5.37 -25.41 -6.55
N ALA B 196 -4.08 -25.23 -6.84
CA ALA B 196 -3.27 -24.33 -5.99
C ALA B 196 -3.66 -22.88 -6.04
N ARG B 197 -4.22 -22.41 -7.19
CA ARG B 197 -4.60 -21.07 -7.26
C ARG B 197 -5.92 -20.88 -6.49
N VAL B 198 -6.81 -21.87 -6.54
CA VAL B 198 -8.04 -21.85 -5.70
C VAL B 198 -7.64 -21.78 -4.18
N TYR B 199 -6.71 -22.64 -3.83
CA TYR B 199 -6.29 -22.73 -2.43
C TYR B 199 -5.60 -21.41 -2.01
N SER B 200 -4.74 -20.85 -2.88
CA SER B 200 -4.12 -19.60 -2.61
C SER B 200 -5.08 -18.44 -2.30
N TYR B 201 -6.12 -18.35 -3.12
CA TYR B 201 -7.20 -17.37 -2.99
C TYR B 201 -7.96 -17.59 -1.67
N ALA B 202 -8.31 -18.84 -1.36
CA ALA B 202 -9.04 -19.19 -0.14
C ALA B 202 -8.26 -18.82 1.12
N LEU B 203 -6.96 -19.09 1.10
CA LEU B 203 -6.10 -18.75 2.18
C LEU B 203 -6.04 -17.29 2.42
N ALA B 204 -5.82 -16.48 1.35
CA ALA B 204 -5.78 -15.03 1.51
C ALA B 204 -7.10 -14.46 2.01
N LEU B 205 -8.23 -15.07 1.66
CA LEU B 205 -9.54 -14.59 2.23
C LEU B 205 -9.50 -14.67 3.76
N LYS B 206 -8.95 -15.77 4.28
CA LYS B 206 -8.78 -15.94 5.74
C LYS B 206 -7.69 -15.05 6.30
N HIS B 207 -6.59 -14.93 5.59
CA HIS B 207 -5.48 -14.14 6.09
C HIS B 207 -5.68 -12.58 6.09
N ALA B 208 -6.57 -12.08 5.22
CA ALA B 208 -6.85 -10.66 5.15
C ALA B 208 -7.25 -10.05 6.53
N ASN B 209 -6.76 -8.84 6.68
CA ASN B 209 -6.95 -7.87 7.78
C ASN B 209 -6.00 -8.16 8.95
N GLN C 16 5.99 2.45 23.37
CA GLN C 16 4.98 3.28 24.15
C GLN C 16 3.57 2.99 23.64
N TYR C 17 2.53 3.22 24.43
CA TYR C 17 1.16 2.91 24.01
C TYR C 17 0.17 3.60 24.90
N ILE C 18 -1.06 3.72 24.39
CA ILE C 18 -2.12 4.48 25.04
C ILE C 18 -2.72 3.54 26.02
N ILE C 19 -2.82 3.98 27.29
CA ILE C 19 -3.53 3.25 28.36
C ILE C 19 -5.03 3.60 28.44
N SER C 20 -5.40 4.87 28.34
CA SER C 20 -6.79 5.28 28.53
C SER C 20 -7.01 6.75 28.16
N GLU C 21 -8.21 6.99 27.60
CA GLU C 21 -8.63 8.30 27.09
C GLU C 21 -9.81 8.77 27.95
N GLU C 22 -9.48 9.53 29.00
CA GLU C 22 -10.46 10.07 29.93
C GLU C 22 -11.04 11.37 29.34
N LEU C 23 -12.37 11.37 29.14
CA LEU C 23 -13.09 12.54 28.62
C LEU C 23 -13.14 13.67 29.66
N ILE C 24 -12.99 14.91 29.21
CA ILE C 24 -12.94 16.08 30.11
C ILE C 24 -13.82 17.25 29.65
N SER C 25 -14.55 17.08 28.56
CA SER C 25 -15.38 18.16 27.99
C SER C 25 -15.53 17.97 26.47
N GLU C 26 -16.74 18.22 25.96
CA GLU C 26 -17.05 17.87 24.57
C GLU C 26 -18.19 18.71 23.99
N GLY C 27 -17.85 19.71 23.20
CA GLY C 27 -18.85 20.60 22.59
C GLY C 27 -19.42 19.99 21.34
N LYS C 28 -20.07 20.82 20.51
CA LYS C 28 -20.64 20.37 19.24
C LYS C 28 -19.59 20.07 18.15
N TRP C 29 -18.45 20.77 18.19
CA TRP C 29 -17.36 20.60 17.19
C TRP C 29 -16.02 20.02 17.65
N VAL C 30 -15.64 20.18 18.92
CA VAL C 30 -14.31 19.76 19.44
C VAL C 30 -14.41 19.17 20.87
N LYS C 31 -13.37 18.42 21.32
CA LYS C 31 -13.36 17.85 22.66
C LYS C 31 -11.95 17.78 23.22
N LEU C 32 -11.87 17.72 24.54
CA LEU C 32 -10.62 17.72 25.29
C LEU C 32 -10.55 16.41 26.11
N GLU C 33 -9.36 15.87 26.32
CA GLU C 33 -9.20 14.61 27.00
C GLU C 33 -7.93 14.52 27.78
N LYS C 34 -7.96 13.65 28.80
CA LYS C 34 -6.78 13.28 29.57
C LYS C 34 -6.31 11.93 28.98
N THR C 35 -5.09 11.90 28.49
CA THR C 35 -4.57 10.71 27.82
C THR C 35 -3.56 10.13 28.79
N THR C 36 -3.65 8.83 29.10
CA THR C 36 -2.65 8.20 29.98
C THR C 36 -1.94 7.12 29.17
N TYR C 37 -0.61 7.04 29.29
CA TYR C 37 0.20 6.33 28.30
C TYR C 37 1.46 5.78 28.98
N MET C 38 2.00 4.67 28.50
CA MET C 38 3.26 4.15 29.05
C MET C 38 4.43 4.72 28.29
N ASP C 39 5.40 5.24 29.01
CA ASP C 39 6.63 5.71 28.38
C ASP C 39 7.53 4.56 28.05
N PRO C 40 8.66 4.89 27.39
CA PRO C 40 9.62 3.89 26.88
C PRO C 40 10.41 3.14 28.01
N THR C 41 10.75 3.81 29.11
CA THR C 41 11.41 3.14 30.27
C THR C 41 10.43 2.29 31.13
N GLY C 42 9.11 2.46 30.93
CA GLY C 42 8.04 1.74 31.67
C GLY C 42 7.17 2.62 32.57
N LYS C 43 7.63 3.83 32.89
CA LYS C 43 6.85 4.82 33.63
C LYS C 43 5.53 5.22 32.94
N THR C 44 4.43 5.04 33.70
CA THR C 44 3.09 5.60 33.42
C THR C 44 3.19 7.16 33.42
N ARG C 45 2.61 7.84 32.40
CA ARG C 45 2.58 9.34 32.30
C ARG C 45 1.29 9.85 31.74
N THR C 46 1.07 11.18 31.71
CA THR C 46 -0.21 11.73 31.23
C THR C 46 -0.10 12.98 30.25
N TRP C 47 -1.19 13.31 29.57
CA TRP C 47 -1.18 14.36 28.50
C TRP C 47 -2.54 14.96 28.29
N GLU C 48 -2.60 16.28 28.00
CA GLU C 48 -3.90 16.92 27.61
C GLU C 48 -4.04 16.86 26.06
N SER C 49 -5.10 16.20 25.58
CA SER C 49 -5.25 15.87 24.16
C SER C 49 -6.54 16.41 23.61
N VAL C 50 -6.49 16.98 22.40
CA VAL C 50 -7.65 17.52 21.76
C VAL C 50 -7.99 16.68 20.56
N LYS C 51 -9.29 16.55 20.26
CA LYS C 51 -9.79 15.74 19.16
C LYS C 51 -11.08 16.42 18.64
N ARG C 52 -11.31 16.44 17.32
CA ARG C 52 -12.60 16.95 16.77
C ARG C 52 -13.66 15.88 16.95
N THR C 53 -14.93 16.26 16.83
CA THR C 53 -16.09 15.34 17.01
C THR C 53 -16.95 15.16 15.74
N THR C 54 -16.31 15.36 14.59
CA THR C 54 -16.96 15.32 13.28
C THR C 54 -16.45 14.10 12.47
N ARG C 55 -15.41 13.37 12.95
CA ARG C 55 -14.64 12.38 12.16
C ARG C 55 -15.19 10.96 12.27
N LYS C 56 -15.80 10.46 11.17
CA LYS C 56 -16.19 9.03 11.05
C LYS C 56 -14.95 8.14 10.73
N GLN C 58 -13.57 7.54 7.88
CA GLN C 58 -13.12 8.74 7.20
C GLN C 58 -11.60 8.75 7.32
N THR C 59 -10.90 8.93 6.19
CA THR C 59 -9.42 8.80 6.12
C THR C 59 -8.66 9.79 7.04
N ALA C 60 -9.26 10.97 7.19
CA ALA C 60 -8.69 12.05 7.95
C ALA C 60 -9.83 13.00 8.27
N ASP C 61 -9.60 13.99 9.12
CA ASP C 61 -10.64 14.94 9.38
C ASP C 61 -10.93 15.79 8.12
N GLY C 62 -9.86 16.22 7.45
CA GLY C 62 -10.12 17.18 6.32
C GLY C 62 -9.18 17.06 5.16
N VAL C 63 -9.30 18.02 4.24
CA VAL C 63 -8.29 18.15 3.21
C VAL C 63 -7.79 19.59 3.09
N ALA C 64 -6.57 19.73 2.64
CA ALA C 64 -5.98 21.01 2.30
C ALA C 64 -5.55 20.86 0.83
N VAL C 65 -5.79 21.89 0.02
CA VAL C 65 -5.61 21.77 -1.39
C VAL C 65 -4.46 22.69 -1.71
N ILE C 66 -3.45 22.16 -2.39
CA ILE C 66 -2.35 22.96 -2.92
C ILE C 66 -2.74 23.24 -4.44
N PRO C 67 -3.26 24.46 -4.75
CA PRO C 67 -3.90 24.60 -6.03
C PRO C 67 -2.97 25.42 -6.94
N VAL C 68 -2.45 24.73 -7.91
CA VAL C 68 -1.44 25.28 -8.77
C VAL C 68 -2.15 25.73 -10.07
N LEU C 69 -2.22 27.03 -10.17
CA LEU C 69 -2.78 27.75 -11.34
C LEU C 69 -1.80 27.82 -12.47
N GLN C 70 -2.08 27.16 -13.57
CA GLN C 70 -1.16 26.92 -14.69
C GLN C 70 -1.70 27.68 -15.88
N ARG C 71 -0.85 28.44 -16.53
CA ARG C 71 -1.30 29.27 -17.74
C ARG C 71 -0.23 29.35 -18.76
N THR C 72 -0.59 29.33 -20.03
CA THR C 72 0.38 29.21 -21.11
C THR C 72 1.43 30.28 -21.03
N LEU C 73 0.98 31.45 -20.66
CA LEU C 73 1.82 32.68 -20.73
C LEU C 73 2.52 33.07 -19.49
N HIS C 74 2.33 32.34 -18.37
CA HIS C 74 2.79 32.80 -17.09
C HIS C 74 3.50 31.69 -16.27
N TYR C 75 4.22 32.18 -15.30
CA TYR C 75 4.68 31.24 -14.22
C TYR C 75 3.47 30.79 -13.41
N GLU C 76 3.62 29.64 -12.74
CA GLU C 76 2.54 29.11 -11.92
C GLU C 76 2.31 30.02 -10.76
N CYS C 77 1.03 30.07 -10.34
CA CYS C 77 0.66 30.67 -9.13
C CYS C 77 0.14 29.62 -8.16
N ILE C 78 0.26 29.91 -6.89
CA ILE C 78 -0.37 29.07 -5.81
C ILE C 78 -1.61 29.89 -5.39
N VAL C 79 -2.77 29.28 -5.45
CA VAL C 79 -4.08 29.95 -5.05
C VAL C 79 -4.29 29.76 -3.55
N LEU C 80 -4.42 30.84 -2.80
CA LEU C 80 -4.61 30.79 -1.36
C LEU C 80 -5.95 31.54 -1.02
N VAL C 81 -6.38 31.30 0.19
CA VAL C 81 -7.54 32.01 0.74
C VAL C 81 -7.24 32.75 2.00
N LYS C 82 -7.94 33.88 2.18
CA LYS C 82 -7.79 34.68 3.36
C LYS C 82 -9.20 34.75 3.95
N GLN C 83 -9.25 34.42 5.22
CA GLN C 83 -10.47 34.44 5.97
C GLN C 83 -10.26 34.79 7.41
N PHE C 84 -11.35 35.31 8.02
CA PHE C 84 -11.32 35.58 9.42
C PHE C 84 -11.50 34.22 10.11
N ARG C 85 -10.72 34.00 11.12
CA ARG C 85 -10.63 32.74 11.86
C ARG C 85 -10.82 33.06 13.32
N PRO C 86 -12.02 32.70 13.87
CA PRO C 86 -12.34 33.10 15.26
C PRO C 86 -11.36 32.67 16.33
N PRO C 87 -10.80 31.45 16.25
CA PRO C 87 -9.83 31.06 17.25
C PRO C 87 -8.56 31.94 17.30
N MET C 88 -8.19 32.50 16.16
CA MET C 88 -7.01 33.33 16.00
C MET C 88 -7.32 34.83 16.29
N GLY C 89 -8.60 35.21 16.29
CA GLY C 89 -8.98 36.62 16.44
C GLY C 89 -8.62 37.53 15.28
N GLY C 90 -8.43 36.99 14.07
CA GLY C 90 -7.87 37.77 12.99
C GLY C 90 -7.86 36.94 11.73
N TYR C 91 -7.25 37.51 10.70
CA TYR C 91 -7.32 36.99 9.38
C TYR C 91 -6.12 36.11 9.15
N CYS C 92 -6.33 35.03 8.40
CA CYS C 92 -5.28 34.06 8.14
C CYS C 92 -5.21 33.75 6.69
N ILE C 93 -3.98 33.43 6.19
CA ILE C 93 -3.80 33.08 4.86
C ILE C 93 -3.47 31.55 4.82
N GLU C 94 -4.20 30.82 4.00
CA GLU C 94 -4.22 29.35 4.04
C GLU C 94 -4.44 28.75 2.72
N PHE C 95 -4.09 27.46 2.62
CA PHE C 95 -4.55 26.71 1.49
C PHE C 95 -6.11 26.56 1.59
N PRO C 96 -6.82 26.56 0.47
CA PRO C 96 -8.26 26.18 0.43
C PRO C 96 -8.36 24.78 1.15
N ALA C 97 -9.36 24.65 1.99
CA ALA C 97 -9.44 23.53 2.90
C ALA C 97 -10.83 23.40 3.49
N GLY C 98 -11.22 22.16 3.81
CA GLY C 98 -12.41 21.89 4.54
C GLY C 98 -12.47 20.44 5.02
N LEU C 99 -13.50 20.13 5.77
CA LEU C 99 -13.71 18.76 6.30
C LEU C 99 -14.20 17.88 5.16
N ILE C 100 -13.75 16.62 5.14
CA ILE C 100 -14.31 15.60 4.22
C ILE C 100 -15.75 15.18 4.66
N ASP C 101 -16.75 15.43 3.80
CA ASP C 101 -18.16 15.02 4.03
C ASP C 101 -18.34 13.52 4.19
N ASP C 102 -19.53 13.12 4.65
CA ASP C 102 -19.86 11.69 4.73
C ASP C 102 -19.92 11.00 3.35
N GLY C 103 -19.13 9.96 3.20
CA GLY C 103 -19.09 9.18 1.96
C GLY C 103 -18.15 9.71 0.87
N GLU C 104 -17.44 10.81 1.13
CA GLU C 104 -16.63 11.54 0.14
C GLU C 104 -15.25 10.98 0.15
N THR C 105 -14.68 10.79 -1.00
CA THR C 105 -13.25 10.59 -1.08
C THR C 105 -12.48 11.92 -0.70
N PRO C 106 -11.21 11.82 -0.24
CA PRO C 106 -10.45 13.07 -0.10
C PRO C 106 -10.37 13.86 -1.41
N GLU C 107 -10.26 13.15 -2.55
CA GLU C 107 -10.13 13.81 -3.81
C GLU C 107 -11.35 14.63 -4.20
N ALA C 108 -12.55 14.11 -3.98
CA ALA C 108 -13.75 14.77 -4.36
C ALA C 108 -13.90 16.01 -3.44
N ALA C 109 -13.61 15.79 -2.16
CA ALA C 109 -13.61 16.86 -1.18
C ALA C 109 -12.68 18.03 -1.63
N ALA C 110 -11.48 17.69 -2.12
CA ALA C 110 -10.54 18.68 -2.50
C ALA C 110 -11.10 19.52 -3.67
N LEU C 111 -11.65 18.88 -4.69
CA LEU C 111 -12.20 19.61 -5.84
C LEU C 111 -13.44 20.45 -5.45
N ARG C 112 -14.25 19.90 -4.56
CA ARG C 112 -15.46 20.59 -4.08
C ARG C 112 -15.06 21.85 -3.24
N GLU C 113 -14.21 21.66 -2.26
CA GLU C 113 -13.77 22.77 -1.37
C GLU C 113 -13.02 23.81 -2.22
N LEU C 114 -12.15 23.34 -3.13
CA LEU C 114 -11.53 24.27 -4.07
C LEU C 114 -12.58 25.11 -4.87
N GLU C 115 -13.50 24.44 -5.56
CA GLU C 115 -14.46 25.19 -6.37
C GLU C 115 -15.29 26.18 -5.46
N GLU C 116 -15.75 25.70 -4.31
CA GLU C 116 -16.51 26.56 -3.34
C GLU C 116 -15.80 27.84 -2.86
N GLU C 117 -14.54 27.66 -2.51
CA GLU C 117 -13.78 28.69 -1.80
C GLU C 117 -13.08 29.63 -2.80
N THR C 118 -12.78 29.15 -3.98
CA THR C 118 -12.12 29.99 -4.99
C THR C 118 -12.83 30.23 -6.31
N GLY C 119 -13.76 29.35 -6.69
CA GLY C 119 -14.38 29.28 -8.01
C GLY C 119 -13.61 28.53 -9.07
N TYR C 120 -12.35 28.13 -8.81
CA TYR C 120 -11.64 27.35 -9.78
C TYR C 120 -12.08 25.90 -9.91
N LYS C 121 -12.17 25.44 -11.15
CA LYS C 121 -12.30 24.02 -11.41
C LYS C 121 -10.92 23.40 -11.73
N GLY C 122 -10.50 22.45 -10.92
CA GLY C 122 -9.18 21.82 -11.01
C GLY C 122 -9.23 20.35 -11.33
N ASP C 123 -8.07 19.77 -11.51
CA ASP C 123 -7.83 18.35 -11.79
C ASP C 123 -6.91 17.82 -10.66
N ILE C 124 -7.23 16.65 -10.08
CA ILE C 124 -6.37 16.09 -9.10
C ILE C 124 -4.97 15.74 -9.70
N ALA C 125 -3.89 16.11 -9.02
CA ALA C 125 -2.54 15.67 -9.40
C ALA C 125 -1.94 14.60 -8.49
N GLU C 126 -2.14 14.74 -7.21
CA GLU C 126 -1.49 13.88 -6.18
C GLU C 126 -2.31 14.02 -4.88
N CYS C 127 -2.34 12.97 -4.05
CA CYS C 127 -3.03 13.02 -2.76
C CYS C 127 -2.12 12.35 -1.70
N SER C 128 -1.76 13.08 -0.66
CA SER C 128 -0.91 12.58 0.40
C SER C 128 -1.71 11.57 1.21
N PRO C 129 -1.00 10.82 2.03
CA PRO C 129 -1.74 10.02 3.01
C PRO C 129 -2.12 10.99 4.15
N ALA C 130 -2.91 10.54 5.12
CA ALA C 130 -3.13 11.33 6.37
C ALA C 130 -1.87 11.80 7.10
N VAL C 131 -1.78 13.13 7.30
CA VAL C 131 -0.63 13.83 7.88
C VAL C 131 -1.17 14.66 9.02
N CYS C 132 -0.40 14.68 10.12
CA CYS C 132 -0.87 15.25 11.39
C CYS C 132 -0.67 16.80 11.30
N MET C 133 -1.59 17.50 11.91
CA MET C 133 -1.57 18.99 11.98
C MET C 133 -0.83 19.57 13.17
N ASP C 134 -1.04 18.99 14.35
CA ASP C 134 -0.40 19.53 15.53
C ASP C 134 -0.31 18.37 16.54
N PRO C 135 0.62 17.43 16.33
CA PRO C 135 0.51 16.13 17.01
C PRO C 135 0.90 16.11 18.53
N GLY C 136 1.65 17.13 18.97
CA GLY C 136 1.88 17.43 20.42
C GLY C 136 0.60 17.88 21.16
N LEU C 137 -0.46 18.14 20.42
CA LEU C 137 -1.70 18.65 20.94
C LEU C 137 -3.01 18.11 20.45
N SER C 138 -3.13 17.68 19.20
CA SER C 138 -4.40 17.15 18.77
C SER C 138 -4.06 15.94 17.91
N ASN C 139 -5.09 15.18 17.64
CA ASN C 139 -4.98 14.05 16.66
C ASN C 139 -5.44 14.46 15.23
N CYS C 140 -5.75 15.73 15.02
CA CYS C 140 -6.31 16.18 13.74
C CYS C 140 -5.40 15.82 12.55
N THR C 141 -6.03 15.36 11.47
CA THR C 141 -5.33 14.92 10.25
C THR C 141 -6.05 15.47 9.01
N ILE C 142 -5.22 15.65 7.98
CA ILE C 142 -5.69 15.98 6.64
C ILE C 142 -5.00 15.13 5.62
N HIS C 143 -5.59 15.10 4.41
CA HIS C 143 -4.80 14.80 3.22
C HIS C 143 -4.46 16.17 2.53
N ILE C 144 -3.22 16.31 2.12
CA ILE C 144 -2.77 17.44 1.31
C ILE C 144 -2.92 16.91 -0.14
N VAL C 145 -3.77 17.57 -0.92
CA VAL C 145 -4.11 17.15 -2.23
C VAL C 145 -3.65 18.26 -3.18
N THR C 146 -2.64 17.94 -4.01
CA THR C 146 -2.18 18.80 -5.04
C THR C 146 -3.17 18.82 -6.17
N VAL C 147 -3.60 20.04 -6.60
CA VAL C 147 -4.59 20.17 -7.67
C VAL C 147 -4.14 21.14 -8.70
N THR C 148 -4.21 20.76 -9.95
CA THR C 148 -3.77 21.66 -11.06
C THR C 148 -5.00 22.38 -11.56
N ILE C 149 -4.87 23.67 -11.90
CA ILE C 149 -5.99 24.40 -12.42
C ILE C 149 -5.56 24.92 -13.79
N ASN C 150 -6.28 24.59 -14.85
CA ASN C 150 -6.04 25.13 -16.16
C ASN C 150 -6.66 26.51 -16.21
N GLY C 151 -5.81 27.49 -16.02
CA GLY C 151 -6.17 28.92 -16.02
C GLY C 151 -6.57 29.48 -17.35
N ASP C 152 -6.25 28.82 -18.44
CA ASP C 152 -6.53 29.33 -19.80
C ASP C 152 -7.83 28.75 -20.31
N ASP C 153 -8.39 27.76 -19.61
CA ASP C 153 -9.64 27.15 -20.05
C ASP C 153 -10.69 28.17 -19.81
N ALA C 154 -11.54 28.34 -20.84
CA ALA C 154 -12.58 29.29 -20.80
C ALA C 154 -13.39 29.10 -19.53
N GLU C 155 -13.61 27.85 -19.10
CA GLU C 155 -14.38 27.63 -17.86
C GLU C 155 -13.79 28.23 -16.59
N ASN C 156 -12.48 28.50 -16.57
CA ASN C 156 -11.86 29.16 -15.45
C ASN C 156 -11.64 30.66 -15.69
N ALA C 157 -12.29 31.23 -16.73
CA ALA C 157 -12.10 32.66 -17.04
C ALA C 157 -12.55 33.61 -15.95
N ARG C 158 -13.66 33.32 -15.29
CA ARG C 158 -14.19 34.29 -14.34
C ARG C 158 -14.56 33.52 -13.09
N PRO C 159 -13.58 32.96 -12.39
CA PRO C 159 -13.86 32.22 -11.17
C PRO C 159 -14.66 33.00 -10.13
N LYS C 160 -15.75 32.41 -9.65
CA LYS C 160 -16.59 33.04 -8.63
C LYS C 160 -16.75 32.02 -7.54
N PRO C 161 -16.23 32.31 -6.34
CA PRO C 161 -16.42 31.44 -5.24
C PRO C 161 -17.89 31.29 -4.99
N LYS C 162 -18.35 30.14 -4.52
CA LYS C 162 -19.73 29.99 -3.98
C LYS C 162 -19.55 29.44 -2.57
N PRO C 163 -19.31 30.33 -1.61
CA PRO C 163 -19.00 29.83 -0.28
C PRO C 163 -20.29 29.48 0.46
N GLY C 164 -20.15 28.66 1.48
CA GLY C 164 -21.27 28.24 2.30
C GLY C 164 -21.71 29.36 3.22
N ASP C 165 -22.77 29.04 3.97
CA ASP C 165 -23.32 29.89 5.03
C ASP C 165 -22.29 30.19 6.09
N GLY C 166 -22.05 31.47 6.33
CA GLY C 166 -21.00 31.82 7.25
C GLY C 166 -19.56 31.59 6.78
N GLU C 167 -19.34 31.33 5.50
CA GLU C 167 -17.99 31.24 4.95
C GLU C 167 -17.76 32.51 4.18
N PHE C 168 -16.66 33.21 4.54
CA PHE C 168 -16.33 34.48 3.90
C PHE C 168 -14.88 34.40 3.47
N VAL C 169 -14.69 34.37 2.18
CA VAL C 169 -13.37 34.05 1.66
C VAL C 169 -12.94 35.11 0.71
N GLU C 170 -11.63 35.42 0.70
CA GLU C 170 -11.03 36.23 -0.32
C GLU C 170 -9.90 35.43 -0.92
N VAL C 171 -9.83 35.45 -2.24
CA VAL C 171 -8.87 34.63 -2.95
C VAL C 171 -7.69 35.50 -3.23
N ILE C 172 -6.49 34.93 -2.97
CA ILE C 172 -5.23 35.57 -3.36
C ILE C 172 -4.36 34.54 -4.10
N SER C 173 -3.92 34.84 -5.31
CA SER C 173 -2.95 33.99 -6.05
C SER C 173 -1.58 34.61 -6.10
N LEU C 174 -0.56 33.85 -5.68
CA LEU C 174 0.80 34.37 -5.58
C LEU C 174 1.72 33.50 -6.43
N PRO C 175 2.74 34.06 -7.09
CA PRO C 175 3.60 33.24 -7.93
C PRO C 175 4.37 32.22 -7.11
N LYS C 176 4.40 30.97 -7.59
CA LYS C 176 5.03 29.90 -6.91
C LYS C 176 6.58 30.23 -6.79
N ASN C 177 7.11 30.84 -7.83
CA ASN C 177 8.55 31.18 -7.87
C ASN C 177 8.95 32.41 -7.04
N ASP C 178 8.01 33.06 -6.40
CA ASP C 178 8.32 34.10 -5.42
C ASP C 178 7.45 34.03 -4.13
N LEU C 179 7.11 32.80 -3.71
CA LEU C 179 6.01 32.65 -2.76
C LEU C 179 6.27 33.30 -1.41
N LEU C 180 7.42 32.98 -0.81
CA LEU C 180 7.77 33.39 0.51
C LEU C 180 7.87 34.90 0.62
N GLN C 181 8.62 35.51 -0.29
CA GLN C 181 8.72 36.97 -0.34
C GLN C 181 7.35 37.66 -0.44
N ARG C 182 6.52 37.16 -1.31
CA ARG C 182 5.17 37.69 -1.43
C ARG C 182 4.27 37.48 -0.27
N LEU C 183 4.40 36.34 0.44
CA LEU C 183 3.79 36.20 1.72
C LEU C 183 4.32 37.22 2.76
N ASP C 184 5.64 37.26 2.91
CA ASP C 184 6.33 38.27 3.74
C ASP C 184 5.78 39.69 3.48
N ALA C 185 5.52 40.04 2.24
CA ALA C 185 5.01 41.39 1.90
C ALA C 185 3.55 41.60 2.34
N LEU C 186 2.69 40.58 2.18
CA LEU C 186 1.30 40.65 2.73
C LEU C 186 1.23 40.89 4.20
N VAL C 187 2.08 40.17 4.91
CA VAL C 187 2.25 40.18 6.34
C VAL C 187 2.70 41.58 6.80
N ALA C 188 3.55 42.25 6.02
CA ALA C 188 4.06 43.61 6.35
C ALA C 188 3.01 44.70 6.19
N GLU C 189 2.15 44.57 5.17
CA GLU C 189 1.11 45.55 4.91
C GLU C 189 -0.10 45.51 5.91
N GLU C 190 -0.35 44.37 6.59
CA GLU C 190 -1.60 44.12 7.35
C GLU C 190 -1.34 43.14 8.50
N HIS C 191 -2.16 43.17 9.56
CA HIS C 191 -2.09 42.07 10.53
C HIS C 191 -2.85 40.88 10.00
N LEU C 192 -2.04 39.93 9.59
CA LEU C 192 -2.58 38.70 9.10
C LEU C 192 -1.55 37.64 9.39
N THR C 193 -2.05 36.42 9.63
CA THR C 193 -1.14 35.28 9.99
C THR C 193 -1.11 34.29 8.81
N VAL C 194 0.10 33.86 8.38
CA VAL C 194 0.23 32.81 7.40
C VAL C 194 0.12 31.42 8.09
N ASP C 195 -0.53 30.51 7.44
CA ASP C 195 -0.62 29.13 7.95
C ASP C 195 0.74 28.43 7.88
N ALA C 196 1.04 27.62 8.90
CA ALA C 196 2.31 26.89 8.98
C ALA C 196 2.58 25.91 7.82
N ARG C 197 1.54 25.31 7.24
CA ARG C 197 1.73 24.44 6.05
C ARG C 197 2.05 25.26 4.77
N VAL C 198 1.36 26.38 4.65
CA VAL C 198 1.72 27.32 3.63
C VAL C 198 3.15 27.84 3.73
N TYR C 199 3.59 28.29 4.90
CA TYR C 199 4.92 28.80 5.04
C TYR C 199 6.00 27.73 4.82
N SER C 200 5.75 26.51 5.27
CA SER C 200 6.67 25.39 5.10
C SER C 200 6.84 25.13 3.65
N TYR C 201 5.72 25.14 2.92
CA TYR C 201 5.76 24.97 1.48
C TYR C 201 6.58 26.09 0.86
N ALA C 202 6.28 27.33 1.22
CA ALA C 202 7.07 28.48 0.70
C ALA C 202 8.60 28.38 0.97
N LEU C 203 8.93 27.90 2.15
CA LEU C 203 10.36 27.85 2.53
C LEU C 203 11.09 26.81 1.61
N ALA C 204 10.49 25.64 1.48
CA ALA C 204 11.09 24.60 0.58
C ALA C 204 11.22 25.03 -0.89
N LEU C 205 10.21 25.77 -1.38
CA LEU C 205 10.31 26.30 -2.72
C LEU C 205 11.58 27.17 -2.81
N LYS C 206 11.80 28.05 -1.85
CA LYS C 206 13.00 28.89 -1.77
C LYS C 206 14.31 28.08 -1.65
N HIS C 207 14.29 27.06 -0.83
CA HIS C 207 15.47 26.22 -0.60
C HIS C 207 15.79 25.17 -1.64
N ALA C 208 14.86 24.88 -2.55
CA ALA C 208 15.11 23.77 -3.47
C ALA C 208 16.29 24.05 -4.40
N LYS D 15 -13.05 44.57 9.24
CA LYS D 15 -14.32 44.07 8.64
C LYS D 15 -15.09 43.09 9.58
N GLN D 16 -14.46 42.02 10.11
CA GLN D 16 -15.03 41.11 11.16
C GLN D 16 -14.34 41.29 12.52
N TYR D 17 -14.96 40.90 13.64
CA TYR D 17 -14.26 41.00 14.95
C TYR D 17 -14.76 40.07 15.97
N ILE D 18 -13.96 39.85 17.04
CA ILE D 18 -14.29 39.09 18.22
C ILE D 18 -15.16 40.05 19.08
N ILE D 19 -16.23 39.50 19.62
CA ILE D 19 -17.17 40.20 20.50
C ILE D 19 -16.83 39.70 21.89
N SER D 20 -16.74 38.39 22.07
CA SER D 20 -16.41 37.83 23.36
C SER D 20 -15.92 36.40 23.33
N GLU D 21 -15.34 35.99 24.45
CA GLU D 21 -14.65 34.73 24.64
C GLU D 21 -14.99 34.05 26.00
N GLU D 22 -16.00 33.18 25.98
CA GLU D 22 -16.44 32.47 27.18
C GLU D 22 -15.50 31.27 27.39
N LEU D 23 -14.82 31.22 28.53
CA LEU D 23 -14.07 30.03 28.95
C LEU D 23 -15.09 28.90 29.11
N ILE D 24 -14.79 27.74 28.51
CA ILE D 24 -15.61 26.52 28.72
C ILE D 24 -14.94 25.49 29.60
N SER D 25 -13.64 25.28 29.42
CA SER D 25 -12.90 24.31 30.24
C SER D 25 -11.39 24.56 30.18
N GLU D 26 -10.78 24.82 31.33
CA GLU D 26 -9.35 25.10 31.42
C GLU D 26 -8.66 24.00 32.20
N GLY D 27 -7.38 23.78 31.96
CA GLY D 27 -6.68 22.65 32.58
C GLY D 27 -5.17 22.72 32.51
N LYS D 28 -4.52 21.63 32.91
CA LYS D 28 -3.06 21.52 32.93
C LYS D 28 -2.35 22.41 31.89
N TRP D 29 -2.52 22.08 30.61
CA TRP D 29 -1.77 22.77 29.53
C TRP D 29 -2.59 23.30 28.33
N VAL D 30 -3.88 22.96 28.24
CA VAL D 30 -4.76 23.38 27.08
C VAL D 30 -6.13 23.75 27.65
N LYS D 31 -6.91 24.55 26.92
CA LYS D 31 -8.23 25.06 27.35
C LYS D 31 -9.17 25.30 26.14
N LEU D 32 -10.49 25.30 26.39
CA LEU D 32 -11.55 25.40 25.37
C LEU D 32 -12.46 26.63 25.58
N GLU D 33 -13.06 27.18 24.51
CA GLU D 33 -13.84 28.44 24.58
C GLU D 33 -14.94 28.55 23.55
N LYS D 34 -16.04 29.16 23.93
CA LYS D 34 -17.06 29.60 22.96
C LYS D 34 -16.71 31.06 22.55
N THR D 35 -16.59 31.27 21.24
CA THR D 35 -16.09 32.52 20.70
C THR D 35 -17.24 33.17 19.99
N THR D 36 -17.58 34.42 20.35
CA THR D 36 -18.58 35.14 19.59
C THR D 36 -17.98 36.19 18.68
N TYR D 37 -18.50 36.31 17.46
CA TYR D 37 -17.97 37.30 16.56
C TYR D 37 -19.00 37.80 15.62
N MET D 38 -18.71 38.94 15.03
CA MET D 38 -19.49 39.56 14.01
C MET D 38 -18.90 39.25 12.67
N ASP D 39 -19.74 38.73 11.78
CA ASP D 39 -19.40 38.47 10.40
C ASP D 39 -19.50 39.71 9.54
N PRO D 40 -19.13 39.62 8.26
CA PRO D 40 -19.10 40.88 7.48
C PRO D 40 -20.46 41.55 7.22
N THR D 41 -21.54 40.77 7.32
CA THR D 41 -22.92 41.27 7.10
C THR D 41 -23.41 42.09 8.30
N GLY D 42 -22.81 41.90 9.48
CA GLY D 42 -23.34 42.40 10.75
C GLY D 42 -24.07 41.33 11.58
N LYS D 43 -24.05 40.07 11.17
CA LYS D 43 -24.62 38.98 12.01
C LYS D 43 -23.62 38.42 13.02
N THR D 44 -24.10 38.13 14.22
CA THR D 44 -23.30 37.52 15.28
C THR D 44 -23.26 36.04 15.01
N ARG D 45 -22.09 35.41 15.16
CA ARG D 45 -22.01 33.92 15.18
C ARG D 45 -21.17 33.42 16.33
N THR D 46 -21.14 32.11 16.56
CA THR D 46 -20.16 31.53 17.51
C THR D 46 -19.23 30.49 16.87
N TRP D 47 -18.27 30.00 17.65
CA TRP D 47 -17.18 29.09 17.27
C TRP D 47 -16.58 28.45 18.53
N GLU D 48 -16.12 27.21 18.48
CA GLU D 48 -15.35 26.61 19.61
C GLU D 48 -13.87 26.58 19.30
N SER D 49 -13.06 27.14 20.21
CA SER D 49 -11.64 27.35 19.99
C SER D 49 -10.82 26.79 21.14
N VAL D 50 -9.62 26.36 20.84
CA VAL D 50 -8.74 25.68 21.76
C VAL D 50 -7.53 26.61 21.89
N LYS D 51 -6.97 26.77 23.10
CA LYS D 51 -5.78 27.60 23.31
C LYS D 51 -4.84 26.98 24.32
N ARG D 52 -3.55 27.25 24.20
CA ARG D 52 -2.57 26.74 25.14
C ARG D 52 -2.52 27.70 26.35
N THR D 53 -2.10 27.22 27.54
CA THR D 53 -2.14 28.06 28.74
C THR D 53 -0.76 28.55 29.15
N THR D 54 0.20 28.54 28.21
CA THR D 54 1.18 29.65 28.09
C THR D 54 1.06 30.28 26.72
N ALA D 60 4.90 33.89 20.11
CA ALA D 60 4.38 32.61 19.64
C ALA D 60 4.48 31.48 20.73
N ASP D 61 3.70 30.41 20.64
CA ASP D 61 3.87 29.29 21.58
C ASP D 61 5.17 28.49 21.53
N GLY D 62 5.51 28.00 20.34
CA GLY D 62 6.73 27.21 20.12
C GLY D 62 7.58 27.61 18.91
N VAL D 63 8.58 26.77 18.65
CA VAL D 63 9.41 26.85 17.44
C VAL D 63 9.35 25.45 16.79
N ALA D 64 9.58 25.45 15.50
CA ALA D 64 9.90 24.18 14.76
C ALA D 64 11.12 24.52 14.00
N VAL D 65 12.06 23.57 13.91
CA VAL D 65 13.33 23.79 13.31
C VAL D 65 13.37 22.98 12.02
N ILE D 66 13.85 23.63 10.95
CA ILE D 66 14.18 22.96 9.70
C ILE D 66 15.71 22.86 9.66
N PRO D 67 16.25 21.68 10.05
CA PRO D 67 17.71 21.60 10.18
C PRO D 67 18.36 20.96 8.95
N VAL D 68 19.15 21.74 8.22
CA VAL D 68 19.83 21.30 7.00
C VAL D 68 21.30 20.93 7.39
N LEU D 69 21.61 19.64 7.38
CA LEU D 69 23.00 19.13 7.64
C LEU D 69 23.91 19.17 6.38
N GLN D 70 24.95 20.00 6.39
CA GLN D 70 25.80 20.26 5.21
C GLN D 70 27.28 19.79 5.42
N ARG D 71 27.74 18.87 4.58
CA ARG D 71 29.15 18.47 4.52
C ARG D 71 29.70 18.81 3.14
N THR D 72 30.98 19.16 3.07
CA THR D 72 31.58 19.44 1.78
C THR D 72 31.59 18.16 0.96
N LEU D 73 31.47 18.33 -0.35
CA LEU D 73 31.57 17.19 -1.25
C LEU D 73 30.47 16.17 -1.02
N HIS D 74 29.40 16.60 -0.34
CA HIS D 74 28.30 15.71 -0.05
C HIS D 74 26.97 16.47 -0.14
N TYR D 75 25.90 15.72 -0.34
CA TYR D 75 24.55 16.25 -0.49
C TYR D 75 23.90 16.48 0.85
N GLU D 76 22.95 17.40 0.86
CA GLU D 76 22.33 17.90 2.10
C GLU D 76 21.32 16.92 2.64
N CYS D 77 21.20 16.90 3.96
CA CYS D 77 20.22 16.05 4.69
C CYS D 77 19.36 16.92 5.57
N ILE D 78 18.13 16.47 5.77
CA ILE D 78 17.15 17.22 6.59
C ILE D 78 17.03 16.35 7.82
N VAL D 79 17.31 16.95 8.99
CA VAL D 79 17.37 16.15 10.18
C VAL D 79 15.93 16.19 10.78
N LEU D 80 15.30 15.06 10.94
CA LEU D 80 13.96 15.00 11.52
C LEU D 80 14.05 14.24 12.81
N VAL D 81 12.92 14.16 13.56
CA VAL D 81 12.87 13.38 14.79
C VAL D 81 11.60 12.63 14.85
N LYS D 82 11.62 11.41 15.43
CA LYS D 82 10.37 10.60 15.68
C LYS D 82 10.27 10.37 17.14
N GLN D 83 9.02 10.31 17.57
CA GLN D 83 8.66 10.20 18.98
C GLN D 83 7.17 9.90 18.99
N PHE D 84 6.71 9.31 20.09
CA PHE D 84 5.32 8.93 20.36
C PHE D 84 4.61 10.17 20.82
N ARG D 85 3.41 10.39 20.28
CA ARG D 85 2.64 11.58 20.53
C ARG D 85 1.32 11.12 21.11
N PRO D 86 1.11 11.29 22.44
CA PRO D 86 -0.17 10.84 23.01
C PRO D 86 -1.40 11.27 22.35
N PRO D 87 -1.51 12.54 21.86
CA PRO D 87 -2.78 12.84 21.22
C PRO D 87 -3.09 11.98 19.93
N MET D 88 -2.04 11.57 19.23
CA MET D 88 -2.18 10.79 17.98
C MET D 88 -2.25 9.27 18.24
N GLY D 89 -1.95 8.88 19.46
CA GLY D 89 -1.83 7.47 19.68
C GLY D 89 -0.72 6.76 18.93
N GLY D 90 0.33 7.48 18.46
CA GLY D 90 1.24 6.80 17.55
C GLY D 90 2.49 7.57 17.41
N TYR D 91 3.45 7.02 16.72
CA TYR D 91 4.70 7.69 16.54
C TYR D 91 4.53 8.69 15.33
N CYS D 92 5.21 9.87 15.43
CA CYS D 92 5.12 10.91 14.44
C CYS D 92 6.52 11.30 14.04
N ILE D 93 6.64 11.64 12.77
CA ILE D 93 7.95 12.09 12.25
C ILE D 93 7.74 13.62 12.04
N GLU D 94 8.59 14.42 12.69
CA GLU D 94 8.43 15.88 12.72
C GLU D 94 9.72 16.57 12.60
N PHE D 95 9.63 17.87 12.36
CA PHE D 95 10.78 18.72 12.47
C PHE D 95 11.00 18.78 14.01
N PRO D 96 12.23 18.86 14.42
CA PRO D 96 12.43 19.07 15.90
C PRO D 96 11.74 20.39 16.30
N ALA D 97 11.12 20.36 17.46
CA ALA D 97 10.26 21.44 17.87
C ALA D 97 10.14 21.47 19.37
N GLY D 98 9.83 22.66 19.90
CA GLY D 98 9.47 22.75 21.33
C GLY D 98 8.87 24.11 21.68
N LEU D 99 8.30 24.25 22.88
CA LEU D 99 7.84 25.56 23.38
C LEU D 99 9.02 26.47 23.70
N ILE D 100 8.78 27.78 23.56
CA ILE D 100 9.78 28.78 23.83
C ILE D 100 9.70 29.05 25.33
N ASP D 101 10.89 29.24 25.92
CA ASP D 101 11.03 29.46 27.37
C ASP D 101 10.77 30.96 27.63
N ASP D 102 10.11 31.27 28.75
CA ASP D 102 9.97 32.68 29.21
C ASP D 102 11.32 33.37 29.11
N GLY D 103 11.36 34.49 28.37
CA GLY D 103 12.59 35.32 28.22
C GLY D 103 13.56 34.99 27.11
N GLU D 104 13.30 33.90 26.38
CA GLU D 104 14.21 33.34 25.40
C GLU D 104 13.66 33.69 24.03
N THR D 105 14.53 34.07 23.10
CA THR D 105 14.11 34.47 21.77
C THR D 105 13.79 33.20 20.94
N PRO D 106 12.96 33.31 19.88
CA PRO D 106 12.80 32.15 18.95
C PRO D 106 14.13 31.50 18.43
N GLU D 107 15.04 32.32 17.94
CA GLU D 107 16.31 31.80 17.46
C GLU D 107 17.06 31.04 18.52
N ALA D 108 17.06 31.51 19.77
CA ALA D 108 17.81 30.81 20.82
C ALA D 108 17.06 29.54 21.19
N ALA D 109 15.72 29.60 21.19
CA ALA D 109 15.02 28.37 21.49
C ALA D 109 15.25 27.31 20.34
N ALA D 110 15.29 27.76 19.08
CA ALA D 110 15.53 26.82 17.98
C ALA D 110 16.87 26.11 18.19
N LEU D 111 17.95 26.89 18.38
CA LEU D 111 19.27 26.28 18.52
C LEU D 111 19.33 25.35 19.75
N ARG D 112 18.60 25.70 20.79
CA ARG D 112 18.59 24.90 22.02
C ARG D 112 17.82 23.60 21.87
N GLU D 113 16.60 23.70 21.37
CA GLU D 113 15.71 22.52 21.18
C GLU D 113 16.31 21.56 20.10
N LEU D 114 16.90 22.11 19.05
CA LEU D 114 17.66 21.25 18.05
C LEU D 114 18.86 20.56 18.72
N GLU D 115 19.69 21.25 19.52
CA GLU D 115 20.75 20.54 20.28
C GLU D 115 20.17 19.55 21.29
N GLU D 116 19.10 19.91 22.00
CA GLU D 116 18.45 18.90 22.86
C GLU D 116 17.94 17.66 22.16
N GLU D 117 17.29 17.83 21.02
CA GLU D 117 16.52 16.72 20.43
C GLU D 117 17.34 15.88 19.46
N THR D 118 18.43 16.48 18.97
CA THR D 118 19.28 15.87 17.96
C THR D 118 20.76 15.86 18.30
N GLY D 119 21.20 16.72 19.21
CA GLY D 119 22.64 16.85 19.50
C GLY D 119 23.40 17.82 18.63
N TYR D 120 22.85 18.24 17.47
CA TYR D 120 23.59 19.16 16.62
C TYR D 120 23.56 20.62 17.08
N LYS D 121 24.55 21.34 16.59
CA LYS D 121 24.88 22.67 17.00
C LYS D 121 24.82 23.41 15.67
N GLY D 122 23.80 24.26 15.59
CA GLY D 122 23.34 24.90 14.37
C GLY D 122 23.81 26.31 14.27
N ASP D 123 23.57 26.87 13.09
CA ASP D 123 23.74 28.25 12.75
C ASP D 123 22.38 28.71 12.25
N ILE D 124 21.87 29.80 12.81
CA ILE D 124 20.62 30.36 12.31
C ILE D 124 20.78 30.83 10.88
N ALA D 125 19.90 30.36 9.97
CA ALA D 125 19.83 30.85 8.58
C ALA D 125 18.66 31.84 8.42
N GLU D 126 17.50 31.55 9.00
CA GLU D 126 16.35 32.49 8.91
C GLU D 126 15.30 32.06 9.89
N CYS D 127 14.35 32.97 10.14
CA CYS D 127 13.28 32.72 11.14
C CYS D 127 11.98 33.36 10.67
N SER D 128 10.90 32.61 10.72
CA SER D 128 9.59 33.06 10.20
C SER D 128 8.97 33.99 11.23
N PRO D 129 7.97 34.79 10.81
CA PRO D 129 7.10 35.37 11.83
C PRO D 129 6.23 34.26 12.41
N ALA D 130 5.39 34.57 13.37
CA ALA D 130 4.55 33.58 13.95
C ALA D 130 3.51 33.08 12.93
N VAL D 131 3.40 31.75 12.85
CA VAL D 131 2.52 31.11 11.86
C VAL D 131 1.60 30.19 12.61
N CYS D 132 0.38 30.00 12.10
CA CYS D 132 -0.66 29.35 12.77
C CYS D 132 -0.67 27.85 12.46
N MET D 133 -0.93 27.07 13.51
CA MET D 133 -0.88 25.63 13.46
C MET D 133 -2.15 24.99 12.89
N ASP D 134 -3.32 25.47 13.28
CA ASP D 134 -4.59 24.96 12.76
C ASP D 134 -5.66 25.97 13.08
N PRO D 135 -5.80 27.03 12.23
CA PRO D 135 -6.46 28.24 12.71
C PRO D 135 -7.96 28.10 12.82
N GLY D 136 -8.59 27.20 12.06
CA GLY D 136 -9.99 26.93 12.23
C GLY D 136 -10.32 26.19 13.54
N LEU D 137 -9.31 25.86 14.35
CA LEU D 137 -9.44 25.13 15.62
C LEU D 137 -8.76 25.80 16.79
N SER D 138 -7.50 26.16 16.69
CA SER D 138 -6.72 26.65 17.82
C SER D 138 -5.99 27.94 17.48
N ASN D 139 -5.34 28.54 18.49
CA ASN D 139 -4.73 29.85 18.28
C ASN D 139 -3.27 29.58 18.29
N CYS D 140 -2.85 28.29 18.28
CA CYS D 140 -1.44 28.02 18.53
C CYS D 140 -0.62 28.48 17.33
N THR D 141 0.54 29.02 17.65
CA THR D 141 1.49 29.49 16.63
C THR D 141 2.92 29.06 16.97
N ILE D 142 3.72 28.98 15.93
CA ILE D 142 5.16 28.82 16.08
C ILE D 142 5.94 29.78 15.17
N HIS D 143 7.21 29.88 15.42
CA HIS D 143 8.13 30.39 14.43
C HIS D 143 8.81 29.12 13.83
N ILE D 144 8.83 29.07 12.51
CA ILE D 144 9.69 28.11 11.77
C ILE D 144 11.06 28.71 11.56
N VAL D 145 12.09 28.05 12.13
CA VAL D 145 13.44 28.53 12.08
C VAL D 145 14.24 27.57 11.22
N THR D 146 14.85 28.10 10.14
CA THR D 146 15.71 27.32 9.24
C THR D 146 17.12 27.36 9.85
N VAL D 147 17.74 26.20 10.06
CA VAL D 147 19.05 26.13 10.80
C VAL D 147 20.09 25.28 10.02
N THR D 148 21.27 25.83 9.71
CA THR D 148 22.27 25.01 8.99
C THR D 148 23.19 24.33 9.98
N ILE D 149 23.62 23.11 9.67
CA ILE D 149 24.51 22.38 10.60
C ILE D 149 25.81 22.24 9.81
N ASN D 150 26.94 22.55 10.42
CA ASN D 150 28.21 22.43 9.66
C ASN D 150 28.74 21.09 10.08
N GLY D 151 28.41 20.06 9.30
CA GLY D 151 28.85 18.69 9.58
C GLY D 151 30.35 18.37 9.37
N ASP D 152 31.13 19.35 8.89
CA ASP D 152 32.61 19.27 8.86
C ASP D 152 33.30 20.18 9.91
N ASP D 153 33.04 19.95 11.19
CA ASP D 153 33.65 20.78 12.23
C ASP D 153 34.37 19.93 13.29
N ALA D 154 33.62 18.98 13.85
CA ALA D 154 34.10 18.19 14.98
C ALA D 154 32.93 18.03 15.98
N GLU D 155 32.40 19.15 16.45
CA GLU D 155 31.27 19.15 17.39
C GLU D 155 30.04 18.45 16.83
N ASN D 156 29.87 18.54 15.51
CA ASN D 156 28.79 17.81 14.78
C ASN D 156 29.20 16.52 14.07
N ALA D 157 30.32 15.91 14.50
CA ALA D 157 30.82 14.69 13.87
C ALA D 157 29.86 13.51 14.10
N ARG D 158 29.49 13.31 15.36
CA ARG D 158 28.53 12.27 15.72
C ARG D 158 27.92 12.54 17.09
N PRO D 159 27.31 13.74 17.27
CA PRO D 159 26.72 14.13 18.59
C PRO D 159 25.49 13.27 18.99
N LYS D 160 25.14 13.26 20.27
CA LYS D 160 23.96 12.51 20.79
C LYS D 160 22.96 13.43 21.49
N PRO D 161 21.66 13.14 21.37
CA PRO D 161 20.66 14.06 21.92
C PRO D 161 20.72 14.11 23.45
N LYS D 162 20.41 15.26 24.08
CA LYS D 162 20.20 15.41 25.55
C LYS D 162 18.72 15.76 25.88
N PRO D 163 17.87 14.75 25.93
CA PRO D 163 16.46 15.08 26.18
C PRO D 163 16.17 15.60 27.59
N GLY D 164 15.04 16.31 27.71
CA GLY D 164 14.41 16.57 29.00
C GLY D 164 13.77 15.29 29.56
N ASP D 165 13.21 15.37 30.76
CA ASP D 165 12.54 14.21 31.38
C ASP D 165 11.23 14.03 30.62
N GLY D 166 10.86 12.78 30.38
CA GLY D 166 9.72 12.46 29.53
C GLY D 166 9.82 12.77 28.02
N GLU D 167 11.02 13.11 27.52
CA GLU D 167 11.26 13.37 26.10
C GLU D 167 12.08 12.21 25.57
N PHE D 168 11.57 11.49 24.56
CA PHE D 168 12.27 10.32 23.98
C PHE D 168 12.20 10.46 22.48
N VAL D 169 13.33 10.63 21.82
CA VAL D 169 13.34 10.99 20.41
C VAL D 169 14.38 10.18 19.63
N GLU D 170 14.00 9.66 18.44
CA GLU D 170 14.99 9.15 17.46
C GLU D 170 15.23 10.20 16.39
N VAL D 171 16.48 10.45 16.08
CA VAL D 171 16.89 11.34 15.01
C VAL D 171 16.79 10.48 13.74
N ILE D 172 16.18 11.03 12.69
CA ILE D 172 16.01 10.37 11.35
C ILE D 172 16.57 11.40 10.37
N SER D 173 17.79 11.18 9.88
CA SER D 173 18.39 12.12 8.92
C SER D 173 18.10 11.60 7.51
N LEU D 174 17.46 12.40 6.66
CA LEU D 174 16.99 11.96 5.31
C LEU D 174 17.56 12.86 4.24
N PRO D 175 17.87 12.26 3.07
CA PRO D 175 18.40 13.07 1.99
C PRO D 175 17.34 14.08 1.65
N LYS D 176 17.74 15.33 1.53
CA LYS D 176 16.90 16.38 1.07
C LYS D 176 16.35 16.07 -0.37
N ASN D 177 17.20 15.45 -1.17
CA ASN D 177 16.94 15.24 -2.58
C ASN D 177 15.86 14.19 -2.87
N ASP D 178 15.50 13.39 -1.89
CA ASP D 178 14.55 12.43 -2.15
C ASP D 178 13.63 12.38 -0.98
N LEU D 179 13.47 13.52 -0.32
CA LEU D 179 12.70 13.57 0.88
C LEU D 179 11.34 13.02 0.82
N LEU D 180 10.52 13.44 -0.17
CA LEU D 180 9.16 13.02 -0.26
C LEU D 180 8.97 11.49 -0.41
N GLN D 181 9.81 10.91 -1.27
CA GLN D 181 9.79 9.45 -1.61
C GLN D 181 10.13 8.70 -0.34
N ARG D 182 11.18 9.18 0.34
CA ARG D 182 11.61 8.54 1.59
C ARG D 182 10.55 8.60 2.62
N LEU D 183 9.88 9.75 2.79
CA LEU D 183 8.69 9.83 3.66
C LEU D 183 7.59 8.93 3.30
N ASP D 184 7.23 8.90 2.02
CA ASP D 184 6.14 7.98 1.60
C ASP D 184 6.55 6.51 1.89
N ALA D 185 7.84 6.16 1.71
CA ALA D 185 8.31 4.77 1.92
C ALA D 185 8.16 4.38 3.42
N LEU D 186 8.58 5.30 4.31
CA LEU D 186 8.36 5.11 5.75
C LEU D 186 6.91 4.86 6.08
N VAL D 187 6.03 5.63 5.49
CA VAL D 187 4.63 5.55 5.74
C VAL D 187 4.01 4.26 5.19
N ALA D 188 4.63 3.69 4.15
CA ALA D 188 3.97 2.53 3.55
C ALA D 188 4.31 1.27 4.41
N GLU D 189 5.44 1.37 5.13
CA GLU D 189 6.08 0.23 5.77
C GLU D 189 5.91 0.21 7.29
N GLU D 190 5.81 1.38 7.93
CA GLU D 190 5.83 1.49 9.42
C GLU D 190 4.62 2.22 10.00
N HIS D 191 4.32 1.91 11.25
CA HIS D 191 3.17 2.39 11.94
C HIS D 191 3.66 3.79 12.38
N LEU D 192 3.51 4.78 11.50
CA LEU D 192 3.80 6.16 11.93
C LEU D 192 3.00 7.15 11.08
N THR D 193 3.07 8.42 11.48
CA THR D 193 2.43 9.51 10.76
C THR D 193 3.47 10.63 10.52
N VAL D 194 3.38 11.24 9.33
CA VAL D 194 4.33 12.31 8.97
C VAL D 194 3.57 13.55 9.32
N ASP D 195 4.30 14.54 9.79
CA ASP D 195 3.66 15.80 10.11
C ASP D 195 3.38 16.54 8.80
N ALA D 196 2.30 17.27 8.80
CA ALA D 196 1.85 18.07 7.63
C ALA D 196 2.80 19.13 7.19
N ARG D 197 3.51 19.76 8.13
N ARG D 197 3.50 19.79 8.13
CA ARG D 197 4.52 20.76 7.77
CA ARG D 197 4.53 20.77 7.76
C ARG D 197 5.76 20.13 7.12
C ARG D 197 5.66 20.06 7.03
N VAL D 198 6.14 18.94 7.57
CA VAL D 198 7.24 18.20 6.95
C VAL D 198 6.88 17.76 5.47
N TYR D 199 5.70 17.29 5.34
CA TYR D 199 5.18 16.80 4.12
C TYR D 199 4.91 17.94 3.15
N SER D 200 4.41 19.07 3.62
CA SER D 200 4.32 20.27 2.72
C SER D 200 5.71 20.66 2.26
N TYR D 201 6.72 20.62 3.14
CA TYR D 201 8.12 20.98 2.80
C TYR D 201 8.62 20.05 1.71
N ALA D 202 8.46 18.77 1.92
CA ALA D 202 8.90 17.73 0.97
C ALA D 202 8.15 17.88 -0.45
N LEU D 203 6.85 18.09 -0.42
CA LEU D 203 6.06 18.40 -1.63
C LEU D 203 6.63 19.52 -2.44
N ALA D 204 6.91 20.62 -1.74
CA ALA D 204 7.47 21.79 -2.36
C ALA D 204 8.88 21.58 -2.92
N LEU D 205 9.71 20.68 -2.35
CA LEU D 205 11.04 20.39 -3.00
C LEU D 205 10.87 19.72 -4.36
N LYS D 206 9.78 19.03 -4.54
CA LYS D 206 9.46 18.47 -5.83
C LYS D 206 8.76 19.48 -6.73
N HIS D 207 7.88 20.31 -6.17
CA HIS D 207 7.14 21.29 -7.01
C HIS D 207 7.90 22.47 -7.52
N ALA D 208 8.95 22.81 -6.78
CA ALA D 208 9.90 23.82 -7.20
C ALA D 208 10.38 23.71 -8.62
N ASN D 209 10.52 24.89 -9.23
CA ASN D 209 10.72 25.11 -10.65
C ASN D 209 9.67 24.45 -11.53
#